data_6BGT
#
_entry.id   6BGT
#
_cell.length_a   62.860
_cell.length_b   114.460
_cell.length_c   204.279
_cell.angle_alpha   90.00
_cell.angle_beta   90.00
_cell.angle_gamma   90.00
#
_symmetry.space_group_name_H-M   'P 21 21 21'
#
loop_
_entity.id
_entity.type
_entity.pdbx_description
1 polymer 'Receptor tyrosine-protein kinase erbB-2'
2 polymer 'Herceptin light chain mutant'
3 polymer 'Herceptin heavy chain Fab fragment mutant'
4 non-polymer 2-acetamido-2-deoxy-beta-D-glucopyranose
5 water water
#
loop_
_entity_poly.entity_id
_entity_poly.type
_entity_poly.pdbx_seq_one_letter_code
_entity_poly.pdbx_strand_id
1 'polypeptide(L)'
;MELAALCRWGLLLALLPPGAASTQVCTGTDMKLRLPASPETHLDMLRHLYQGCQVVQGNLELTYLPTNASLSFLQDIQEV
QGYVLIAHNQVRQVPLQRLRIVRGTQLFEDNYALAVLDNGDPLNNTTPVTGASPGGLRELQLRSLTEILKGGVLIQRNPQ
LCYQDTILWKDIFHKNNQLALTLIDTNRSRACHPCSPMCKGSRCWGESSEDCQSLTRTVCAGGCARCKGPLPTDCCHEQC
AAGCTGPKHSDCLACLHFNHSGICELHCPALVTYNTDTFESMPNPEGRYTFGASCVTACPYNYLSTDVGSCTLVCPLHNQ
EVTAEDGTQRCEKCSKPCARVCYGLGMEHLREVRAVTSANIQEFAGCKKIFGSLAFLPESFDGDPASNTAPLQPEQLQVF
ETLEEITGYLYISAWPDSLPDLSVFQNLQVIRGRILHNGAYSLTLQGLGISWLGLRSLRELGSGLALIHHNTHLCFVHTV
PWDQLFRNPHQALLHTANRPEDECVGEGLACHQLCARGHCWGPGPTQCVNCSQFLRGQECVEECRVLQGLPREYVNARHC
LPCHPECQPQNGSVTCFGPEADQCVACAHYKDPPFCVARCPSGVKPDLSYMPIWKFPDEEGACQPCPINCTHSCVDLDDK
GCPAEQRASPLTHHHHHH
;
C
2 'polypeptide(L)'
;DIQMTQSPSSLSASVGDRVTITCRASQDVNTAVAWYQQKPGKAPKLLIYSADFLYSGVPSRFSGSRSGTDFTLTISSLQP
EDFATYYCQQHYTTPPTFGQGTKVEIKRTVAAPSVFIFPPSDEQLKSGTASVVCLLNNFYPREAKVQWKVDNALQSGNSQ
ESVTEQDSKDSTYSLSSTLTLSKADYEKHKVYACEVTHQGLSSPVTKSFNRGEC
;
A
3 'polypeptide(L)'
;EVQLVESGGGLVQPGGSLRLSCAASGFNIDDTYIHWVRQAPGKGLEWVARIYPTNGYTRYADSVKGRFTISADTSKNTAY
LQMNSLRAEDTAVYYCSRWGGDGFYAMDYWGQGTLVTVSSASTKGPSVFPLAPSSKSTSGGTAALGCLVKDYFPEPVTVS
WNSGALTSGVHTFPAVLQSSGLYSLSSVVTVPSSSLGTQTYICNVNHKPSNTKVDKKVEPKSCGSHHHHHH
;
B
#
# COMPACT_ATOMS: atom_id res chain seq x y z
N THR A 23 -25.54 11.26 -16.07
CA THR A 23 -25.83 9.84 -16.23
C THR A 23 -26.17 9.49 -17.67
N GLN A 24 -25.55 8.43 -18.19
CA GLN A 24 -25.91 7.94 -19.51
C GLN A 24 -26.03 6.42 -19.51
N VAL A 25 -25.28 5.75 -18.63
CA VAL A 25 -25.24 4.30 -18.56
C VAL A 25 -25.85 3.85 -17.23
N CYS A 26 -26.65 2.78 -17.30
CA CYS A 26 -27.28 2.20 -16.12
C CYS A 26 -27.40 0.70 -16.34
N THR A 27 -27.36 -0.06 -15.26
CA THR A 27 -27.61 -1.48 -15.40
C THR A 27 -29.11 -1.72 -15.53
N GLY A 28 -29.47 -2.92 -15.94
CA GLY A 28 -30.85 -3.31 -16.10
C GLY A 28 -31.38 -4.03 -14.87
N THR A 29 -32.34 -4.93 -15.11
CA THR A 29 -32.79 -5.83 -14.05
C THR A 29 -32.71 -7.28 -14.53
N ASP A 30 -33.21 -8.19 -13.71
CA ASP A 30 -33.15 -9.61 -14.02
C ASP A 30 -34.23 -10.33 -13.22
N MET A 31 -35.45 -9.83 -13.28
CA MET A 31 -36.59 -10.42 -12.60
C MET A 31 -37.46 -11.24 -13.54
N LYS A 32 -37.21 -11.16 -14.85
CA LYS A 32 -38.04 -11.78 -15.88
C LYS A 32 -39.51 -11.56 -15.57
N LEU A 33 -40.29 -12.63 -15.40
CA LEU A 33 -41.73 -12.48 -15.18
C LEU A 33 -42.13 -12.70 -13.73
N ARG A 34 -41.19 -12.59 -12.80
CA ARG A 34 -41.52 -12.74 -11.38
C ARG A 34 -42.15 -11.46 -10.84
N LEU A 35 -43.08 -11.63 -9.91
CA LEU A 35 -43.82 -10.50 -9.38
C LEU A 35 -42.94 -9.72 -8.40
N PRO A 36 -43.05 -8.39 -8.40
CA PRO A 36 -42.29 -7.59 -7.42
C PRO A 36 -42.78 -7.88 -6.01
N ALA A 37 -41.84 -8.10 -5.10
CA ALA A 37 -42.19 -8.38 -3.71
C ALA A 37 -42.79 -7.16 -3.01
N SER A 38 -42.49 -5.95 -3.51
CA SER A 38 -43.00 -4.71 -2.93
C SER A 38 -43.69 -3.92 -4.05
N PRO A 39 -44.90 -4.31 -4.44
CA PRO A 39 -45.58 -3.60 -5.54
C PRO A 39 -45.78 -2.13 -5.26
N GLU A 40 -45.81 -1.73 -3.99
CA GLU A 40 -45.96 -0.33 -3.64
C GLU A 40 -44.72 0.50 -4.03
N THR A 41 -43.55 -0.14 -4.19
CA THR A 41 -42.31 0.57 -4.52
C THR A 41 -41.68 0.09 -5.82
N HIS A 42 -42.39 -0.68 -6.63
CA HIS A 42 -41.84 -1.21 -7.87
C HIS A 42 -41.59 -0.09 -8.87
N LEU A 43 -42.56 0.80 -9.04
CA LEU A 43 -42.45 1.85 -10.06
C LEU A 43 -41.40 2.90 -9.70
N ASP A 44 -41.28 3.29 -8.44
CA ASP A 44 -40.16 4.16 -8.09
C ASP A 44 -38.82 3.43 -8.19
N MET A 45 -38.81 2.10 -8.02
CA MET A 45 -37.59 1.38 -8.34
C MET A 45 -37.20 1.59 -9.81
N LEU A 46 -38.16 1.39 -10.72
CA LEU A 46 -37.86 1.60 -12.14
C LEU A 46 -37.45 3.04 -12.43
N ARG A 47 -38.14 4.00 -11.81
CA ARG A 47 -37.79 5.40 -12.01
C ARG A 47 -36.35 5.67 -11.60
N HIS A 48 -35.97 5.25 -10.39
CA HIS A 48 -34.60 5.46 -9.94
C HIS A 48 -33.59 4.80 -10.87
N LEU A 49 -33.92 3.60 -11.37
CA LEU A 49 -33.01 2.91 -12.27
C LEU A 49 -32.80 3.69 -13.56
N TYR A 50 -33.88 4.00 -14.26
CA TYR A 50 -33.80 4.43 -15.66
C TYR A 50 -33.87 5.93 -15.86
N GLN A 51 -34.13 6.72 -14.81
CA GLN A 51 -34.20 8.17 -14.98
C GLN A 51 -32.90 8.71 -15.54
N GLY A 52 -32.98 9.36 -16.70
CA GLY A 52 -31.80 9.88 -17.37
C GLY A 52 -30.93 8.85 -18.05
N CYS A 53 -31.23 7.56 -17.90
CA CYS A 53 -30.40 6.53 -18.52
C CYS A 53 -30.60 6.54 -20.04
N GLN A 54 -29.50 6.42 -20.77
CA GLN A 54 -29.54 6.32 -22.23
C GLN A 54 -29.08 4.97 -22.76
N VAL A 55 -28.23 4.27 -22.03
CA VAL A 55 -27.71 2.96 -22.44
C VAL A 55 -27.95 1.99 -21.29
N VAL A 56 -28.85 1.02 -21.50
CA VAL A 56 -29.14 -0.02 -20.51
C VAL A 56 -28.13 -1.14 -20.73
N GLN A 57 -27.23 -1.31 -19.76
CA GLN A 57 -26.23 -2.40 -19.84
C GLN A 57 -26.78 -3.64 -19.15
N GLY A 58 -27.77 -4.22 -19.81
CA GLY A 58 -28.51 -5.38 -19.31
C GLY A 58 -29.85 -5.47 -20.02
N ASN A 59 -30.81 -6.06 -19.32
CA ASN A 59 -32.15 -6.25 -19.85
C ASN A 59 -33.04 -5.12 -19.37
N LEU A 60 -33.82 -4.55 -20.29
CA LEU A 60 -34.85 -3.58 -19.95
C LEU A 60 -36.15 -4.36 -19.71
N GLU A 61 -36.55 -4.48 -18.44
CA GLU A 61 -37.72 -5.26 -18.06
C GLU A 61 -38.77 -4.34 -17.45
N LEU A 62 -39.90 -4.20 -18.16
CA LEU A 62 -41.02 -3.37 -17.73
C LEU A 62 -42.22 -4.29 -17.55
N THR A 63 -42.60 -4.53 -16.30
CA THR A 63 -43.62 -5.52 -15.97
C THR A 63 -44.50 -5.00 -14.83
N TYR A 64 -45.75 -5.47 -14.83
CA TYR A 64 -46.69 -5.27 -13.73
C TYR A 64 -46.92 -3.78 -13.43
N LEU A 65 -47.09 -2.99 -14.50
CA LEU A 65 -47.29 -1.56 -14.38
C LEU A 65 -48.75 -1.21 -14.56
N PRO A 66 -49.36 -0.47 -13.62
CA PRO A 66 -50.79 -0.17 -13.71
C PRO A 66 -51.08 0.85 -14.80
N THR A 67 -52.38 1.10 -14.99
CA THR A 67 -52.84 1.91 -16.11
C THR A 67 -52.33 3.35 -16.02
N ASN A 68 -52.38 3.95 -14.83
CA ASN A 68 -52.03 5.35 -14.64
C ASN A 68 -50.55 5.56 -14.34
N ALA A 69 -49.68 4.63 -14.74
CA ALA A 69 -48.28 4.71 -14.39
C ALA A 69 -47.56 5.73 -15.27
N SER A 70 -46.86 6.67 -14.62
CA SER A 70 -46.07 7.67 -15.33
C SER A 70 -44.71 7.09 -15.67
N LEU A 71 -44.45 6.88 -16.96
CA LEU A 71 -43.23 6.23 -17.43
C LEU A 71 -42.35 7.19 -18.24
N SER A 72 -42.41 8.49 -17.92
CA SER A 72 -41.63 9.46 -18.68
C SER A 72 -40.14 9.22 -18.53
N PHE A 73 -39.71 8.61 -17.42
CA PHE A 73 -38.29 8.42 -17.15
C PHE A 73 -37.61 7.48 -18.15
N LEU A 74 -38.38 6.85 -19.05
CA LEU A 74 -37.81 6.02 -20.11
C LEU A 74 -37.50 6.79 -21.38
N GLN A 75 -37.74 8.11 -21.38
CA GLN A 75 -37.61 8.91 -22.60
C GLN A 75 -36.27 8.70 -23.29
N ASP A 76 -35.19 8.63 -22.51
CA ASP A 76 -33.84 8.80 -23.03
C ASP A 76 -33.16 7.50 -23.41
N ILE A 77 -33.80 6.34 -23.22
CA ILE A 77 -33.18 5.07 -23.55
C ILE A 77 -32.97 5.00 -25.06
N GLN A 78 -31.72 4.80 -25.48
CA GLN A 78 -31.39 4.58 -26.88
C GLN A 78 -30.93 3.18 -27.20
N GLU A 79 -30.24 2.52 -26.27
CA GLU A 79 -29.65 1.22 -26.50
C GLU A 79 -29.93 0.30 -25.32
N VAL A 80 -30.30 -0.94 -25.62
CA VAL A 80 -30.43 -1.99 -24.63
C VAL A 80 -29.45 -3.09 -25.01
N GLN A 81 -28.54 -3.40 -24.09
CA GLN A 81 -27.52 -4.40 -24.39
C GLN A 81 -28.07 -5.83 -24.29
N GLY A 82 -29.05 -6.05 -23.42
CA GLY A 82 -29.64 -7.37 -23.28
C GLY A 82 -30.88 -7.53 -24.15
N TYR A 83 -32.02 -7.80 -23.52
CA TYR A 83 -33.29 -7.88 -24.21
C TYR A 83 -34.27 -6.88 -23.61
N VAL A 84 -35.37 -6.67 -24.33
CA VAL A 84 -36.48 -5.85 -23.87
C VAL A 84 -37.64 -6.80 -23.57
N LEU A 85 -38.09 -6.79 -22.32
CA LEU A 85 -39.24 -7.56 -21.88
C LEU A 85 -40.30 -6.58 -21.41
N ILE A 86 -41.47 -6.63 -22.05
CA ILE A 86 -42.60 -5.76 -21.74
C ILE A 86 -43.78 -6.68 -21.49
N ALA A 87 -44.19 -6.83 -20.23
CA ALA A 87 -45.10 -7.93 -19.95
C ALA A 87 -45.97 -7.64 -18.74
N HIS A 88 -47.18 -8.19 -18.77
CA HIS A 88 -48.11 -8.16 -17.64
C HIS A 88 -48.39 -6.73 -17.17
N ASN A 89 -48.57 -5.83 -18.13
CA ASN A 89 -48.85 -4.43 -17.84
C ASN A 89 -50.29 -4.09 -18.20
N GLN A 90 -50.84 -3.11 -17.50
CA GLN A 90 -52.11 -2.51 -17.87
C GLN A 90 -51.94 -1.14 -18.50
N VAL A 91 -50.72 -0.59 -18.48
CA VAL A 91 -50.50 0.74 -19.04
C VAL A 91 -50.73 0.70 -20.55
N ARG A 92 -51.25 1.81 -21.07
CA ARG A 92 -51.68 1.86 -22.46
C ARG A 92 -50.57 2.22 -23.42
N GLN A 93 -49.42 2.64 -22.92
CA GLN A 93 -48.32 3.01 -23.80
C GLN A 93 -47.03 3.12 -23.00
N VAL A 94 -45.98 2.51 -23.51
CA VAL A 94 -44.63 2.63 -22.96
C VAL A 94 -43.81 3.49 -23.90
N PRO A 95 -43.27 4.63 -23.44
CA PRO A 95 -42.61 5.55 -24.36
C PRO A 95 -41.14 5.23 -24.57
N LEU A 96 -40.85 4.47 -25.62
CA LEU A 96 -39.49 4.14 -26.02
C LEU A 96 -39.23 4.57 -27.46
N GLN A 97 -39.71 5.76 -27.83
CA GLN A 97 -39.57 6.25 -29.20
C GLN A 97 -38.12 6.47 -29.60
N ARG A 98 -37.20 6.49 -28.64
CA ARG A 98 -35.80 6.77 -28.89
C ARG A 98 -34.90 5.54 -28.85
N LEU A 99 -35.45 4.39 -28.50
CA LEU A 99 -34.68 3.15 -28.47
C LEU A 99 -34.25 2.79 -29.88
N ARG A 100 -32.94 2.82 -30.13
CA ARG A 100 -32.42 2.60 -31.47
C ARG A 100 -31.90 1.20 -31.71
N ILE A 101 -31.30 0.54 -30.72
CA ILE A 101 -30.66 -0.74 -30.95
C ILE A 101 -30.84 -1.64 -29.73
N VAL A 102 -31.21 -2.89 -29.99
CA VAL A 102 -31.20 -3.96 -28.99
C VAL A 102 -30.13 -4.96 -29.40
N ARG A 103 -29.16 -5.21 -28.51
CA ARG A 103 -28.01 -6.04 -28.87
C ARG A 103 -28.26 -7.52 -28.63
N GLY A 104 -29.02 -7.87 -27.60
CA GLY A 104 -29.31 -9.27 -27.35
C GLY A 104 -28.14 -10.09 -26.87
N THR A 105 -27.23 -9.49 -26.10
CA THR A 105 -26.17 -10.29 -25.48
C THR A 105 -26.76 -11.33 -24.53
N GLN A 106 -27.90 -11.00 -23.92
CA GLN A 106 -28.79 -11.97 -23.31
C GLN A 106 -30.11 -11.94 -24.06
N LEU A 107 -30.86 -13.05 -23.98
CA LEU A 107 -32.14 -13.17 -24.66
C LEU A 107 -33.16 -13.83 -23.77
N PHE A 108 -34.38 -13.25 -23.77
CA PHE A 108 -35.48 -13.82 -23.02
C PHE A 108 -35.84 -15.20 -23.56
N GLU A 109 -35.97 -16.17 -22.66
CA GLU A 109 -36.20 -17.58 -23.02
C GLU A 109 -35.18 -18.06 -24.05
N ASP A 110 -33.97 -17.49 -23.99
CA ASP A 110 -32.84 -17.84 -24.83
C ASP A 110 -33.13 -17.72 -26.33
N ASN A 111 -34.13 -16.93 -26.70
CA ASN A 111 -34.50 -16.80 -28.11
C ASN A 111 -34.81 -15.38 -28.56
N TYR A 112 -35.12 -14.44 -27.66
CA TYR A 112 -35.80 -13.21 -28.06
C TYR A 112 -35.10 -11.98 -27.52
N ALA A 113 -34.80 -11.04 -28.43
CA ALA A 113 -34.35 -9.72 -28.05
C ALA A 113 -35.50 -8.81 -27.65
N LEU A 114 -36.72 -9.10 -28.08
CA LEU A 114 -37.89 -8.29 -27.77
C LEU A 114 -39.06 -9.22 -27.48
N ALA A 115 -39.68 -9.06 -26.32
CA ALA A 115 -40.78 -9.92 -25.88
C ALA A 115 -41.89 -9.04 -25.33
N VAL A 116 -43.04 -9.04 -25.98
CA VAL A 116 -44.21 -8.28 -25.57
C VAL A 116 -45.31 -9.27 -25.25
N LEU A 117 -45.64 -9.41 -23.96
CA LEU A 117 -46.51 -10.50 -23.52
C LEU A 117 -47.57 -10.02 -22.55
N ASP A 118 -48.81 -10.48 -22.75
CA ASP A 118 -49.86 -10.47 -21.73
C ASP A 118 -50.08 -9.08 -21.14
N ASN A 119 -50.22 -8.09 -22.00
CA ASN A 119 -50.42 -6.71 -21.59
C ASN A 119 -51.88 -6.33 -21.88
N GLY A 120 -52.76 -6.65 -20.94
CA GLY A 120 -54.19 -6.39 -21.09
C GLY A 120 -54.98 -7.12 -20.02
N ASP A 121 -56.23 -7.40 -20.33
CA ASP A 121 -57.10 -8.16 -19.44
C ASP A 121 -57.18 -7.53 -18.05
N SER A 133 -62.47 2.80 -20.35
CA SER A 133 -61.65 2.30 -21.45
C SER A 133 -60.76 1.15 -20.96
N PRO A 134 -60.67 0.09 -21.77
CA PRO A 134 -59.87 -1.07 -21.35
C PRO A 134 -58.38 -0.76 -21.31
N GLY A 135 -57.67 -1.45 -20.43
CA GLY A 135 -56.25 -1.29 -20.29
C GLY A 135 -55.48 -2.15 -21.27
N GLY A 136 -54.17 -1.96 -21.28
CA GLY A 136 -53.33 -2.75 -22.16
C GLY A 136 -52.71 -1.90 -23.25
N LEU A 137 -51.53 -2.32 -23.69
CA LEU A 137 -50.78 -1.58 -24.71
C LEU A 137 -51.57 -1.51 -26.01
N ARG A 138 -51.66 -0.31 -26.58
CA ARG A 138 -52.32 -0.09 -27.86
C ARG A 138 -51.34 -0.07 -29.03
N GLU A 139 -50.16 0.50 -28.85
CA GLU A 139 -49.16 0.66 -29.89
C GLU A 139 -47.78 0.45 -29.30
N LEU A 140 -46.86 -0.07 -30.11
CA LEU A 140 -45.48 -0.22 -29.65
C LEU A 140 -44.71 1.09 -29.75
N GLN A 141 -44.90 1.82 -30.85
CA GLN A 141 -44.27 3.13 -31.08
C GLN A 141 -42.76 3.09 -30.97
N LEU A 142 -42.15 1.95 -31.31
CA LEU A 142 -40.69 1.81 -31.37
C LEU A 142 -40.18 2.39 -32.69
N ARG A 143 -40.34 3.71 -32.84
CA ARG A 143 -40.12 4.36 -34.13
C ARG A 143 -38.65 4.57 -34.47
N SER A 144 -37.73 4.33 -33.54
CA SER A 144 -36.30 4.38 -33.84
C SER A 144 -35.64 3.01 -33.86
N LEU A 145 -36.38 1.95 -33.55
CA LEU A 145 -35.80 0.61 -33.42
C LEU A 145 -35.46 0.08 -34.80
N THR A 146 -34.18 0.17 -35.18
CA THR A 146 -33.73 -0.27 -36.50
C THR A 146 -32.59 -1.29 -36.44
N GLU A 147 -32.31 -1.89 -35.28
CA GLU A 147 -31.26 -2.90 -35.23
C GLU A 147 -31.49 -3.86 -34.07
N ILE A 148 -31.56 -5.15 -34.37
CA ILE A 148 -31.50 -6.21 -33.37
C ILE A 148 -30.33 -7.10 -33.76
N LEU A 149 -29.26 -7.04 -32.97
CA LEU A 149 -28.05 -7.77 -33.33
C LEU A 149 -28.23 -9.28 -33.18
N LYS A 150 -28.90 -9.71 -32.11
CA LYS A 150 -29.15 -11.12 -31.87
C LYS A 150 -30.53 -11.27 -31.25
N GLY A 151 -31.19 -12.38 -31.54
CA GLY A 151 -32.47 -12.69 -30.93
C GLY A 151 -33.65 -12.33 -31.83
N GLY A 152 -34.79 -12.89 -31.49
CA GLY A 152 -36.02 -12.69 -32.25
C GLY A 152 -37.04 -11.85 -31.52
N VAL A 153 -38.25 -11.84 -32.08
CA VAL A 153 -39.36 -11.04 -31.57
C VAL A 153 -40.50 -11.96 -31.18
N LEU A 154 -41.00 -11.78 -29.97
CA LEU A 154 -42.08 -12.59 -29.41
C LEU A 154 -43.17 -11.65 -28.92
N ILE A 155 -44.31 -11.64 -29.60
CA ILE A 155 -45.44 -10.77 -29.26
C ILE A 155 -46.68 -11.64 -29.12
N GLN A 156 -47.22 -11.73 -27.90
CA GLN A 156 -48.29 -12.67 -27.61
C GLN A 156 -49.29 -12.06 -26.64
N ARG A 157 -50.57 -12.33 -26.90
CA ARG A 157 -51.66 -12.10 -25.94
C ARG A 157 -51.72 -10.64 -25.49
N ASN A 158 -51.80 -9.74 -26.47
CA ASN A 158 -51.91 -8.30 -26.26
C ASN A 158 -53.21 -7.83 -26.89
N PRO A 159 -54.34 -7.90 -26.17
CA PRO A 159 -55.64 -7.70 -26.82
C PRO A 159 -55.84 -6.31 -27.43
N GLN A 160 -55.23 -5.27 -26.87
CA GLN A 160 -55.43 -3.92 -27.36
C GLN A 160 -54.36 -3.47 -28.35
N LEU A 161 -53.41 -4.34 -28.69
CA LEU A 161 -52.26 -3.95 -29.49
C LEU A 161 -52.60 -3.93 -30.97
N CYS A 162 -52.11 -2.91 -31.67
CA CYS A 162 -52.33 -2.75 -33.10
C CYS A 162 -51.00 -2.49 -33.80
N TYR A 163 -50.96 -2.83 -35.09
CA TYR A 163 -49.92 -2.52 -36.07
C TYR A 163 -48.66 -3.39 -35.97
N GLN A 164 -48.63 -4.41 -35.10
CA GLN A 164 -47.40 -5.20 -34.98
C GLN A 164 -47.24 -6.17 -36.14
N ASP A 165 -48.35 -6.62 -36.74
CA ASP A 165 -48.32 -7.45 -37.94
C ASP A 165 -47.76 -6.70 -39.14
N THR A 166 -47.54 -5.40 -39.01
CA THR A 166 -47.27 -4.50 -40.10
C THR A 166 -45.78 -4.24 -40.32
N ILE A 167 -44.99 -4.33 -39.25
CA ILE A 167 -43.56 -4.05 -39.33
C ILE A 167 -42.85 -5.11 -40.15
N LEU A 168 -41.94 -4.66 -41.02
CA LEU A 168 -41.00 -5.56 -41.70
C LEU A 168 -39.87 -5.84 -40.71
N TRP A 169 -40.09 -6.85 -39.86
CA TRP A 169 -39.13 -7.18 -38.80
C TRP A 169 -37.75 -7.51 -39.37
N LYS A 170 -37.71 -8.02 -40.61
CA LYS A 170 -36.47 -8.44 -41.22
C LYS A 170 -35.55 -7.26 -41.57
N ASP A 171 -36.10 -6.06 -41.73
CA ASP A 171 -35.23 -4.90 -41.88
C ASP A 171 -34.53 -4.57 -40.57
N ILE A 172 -35.13 -4.93 -39.44
CA ILE A 172 -34.59 -4.57 -38.15
C ILE A 172 -33.47 -5.53 -37.75
N PHE A 173 -33.65 -6.82 -38.01
CA PHE A 173 -32.62 -7.79 -37.65
C PHE A 173 -31.33 -7.49 -38.38
N HIS A 174 -30.21 -7.73 -37.69
CA HIS A 174 -28.91 -7.63 -38.36
C HIS A 174 -28.75 -8.78 -39.34
N LYS A 175 -27.93 -8.57 -40.38
CA LYS A 175 -27.76 -9.57 -41.42
C LYS A 175 -27.33 -10.91 -40.84
N ASN A 176 -26.49 -10.90 -39.80
CA ASN A 176 -26.08 -12.14 -39.16
C ASN A 176 -27.13 -12.69 -38.21
N ASN A 177 -28.32 -12.09 -38.16
CA ASN A 177 -29.37 -12.52 -37.23
C ASN A 177 -30.72 -12.68 -37.95
N GLN A 178 -30.72 -12.97 -39.24
CA GLN A 178 -31.95 -12.85 -40.02
C GLN A 178 -32.72 -14.16 -40.19
N LEU A 179 -32.28 -15.26 -39.60
CA LEU A 179 -33.20 -16.37 -39.37
C LEU A 179 -33.64 -16.42 -37.92
N ALA A 180 -33.59 -15.27 -37.24
CA ALA A 180 -34.07 -15.16 -35.88
C ALA A 180 -35.56 -15.40 -35.81
N LEU A 181 -35.99 -16.10 -34.77
CA LEU A 181 -37.38 -16.51 -34.66
C LEU A 181 -38.29 -15.29 -34.52
N THR A 182 -39.51 -15.44 -35.01
CA THR A 182 -40.48 -14.34 -34.99
C THR A 182 -41.85 -14.95 -34.76
N LEU A 183 -42.39 -14.81 -33.56
CA LEU A 183 -43.68 -15.39 -33.20
C LEU A 183 -44.59 -14.23 -32.79
N ILE A 184 -45.51 -13.86 -33.68
CA ILE A 184 -46.25 -12.62 -33.56
C ILE A 184 -47.75 -12.94 -33.61
N ASP A 185 -48.41 -12.81 -32.46
CA ASP A 185 -49.84 -12.99 -32.35
C ASP A 185 -50.55 -11.71 -32.79
N THR A 186 -51.54 -11.85 -33.66
CA THR A 186 -52.28 -10.71 -34.20
C THR A 186 -53.73 -10.68 -33.72
N ASN A 187 -54.11 -11.56 -32.81
CA ASN A 187 -55.48 -11.56 -32.29
C ASN A 187 -55.71 -10.33 -31.42
N ARG A 188 -56.79 -9.60 -31.69
CA ARG A 188 -57.07 -8.37 -30.99
C ARG A 188 -58.52 -8.32 -30.53
N SER A 189 -58.80 -7.33 -29.68
CA SER A 189 -60.14 -7.03 -29.21
C SER A 189 -60.60 -5.63 -29.63
N ARG A 190 -60.00 -5.09 -30.69
CA ARG A 190 -60.41 -3.80 -31.23
C ARG A 190 -59.98 -3.71 -32.68
N ALA A 191 -60.63 -2.83 -33.42
CA ALA A 191 -60.21 -2.51 -34.78
C ALA A 191 -59.11 -1.45 -34.73
N CYS A 192 -58.29 -1.42 -35.77
CA CYS A 192 -57.21 -0.45 -35.87
C CYS A 192 -57.52 0.55 -36.98
N HIS A 193 -57.21 1.82 -36.72
CA HIS A 193 -57.16 2.81 -37.80
C HIS A 193 -56.01 2.45 -38.74
N PRO A 194 -56.08 2.85 -40.00
CA PRO A 194 -54.95 2.62 -40.91
C PRO A 194 -53.73 3.40 -40.47
N CYS A 195 -52.56 2.95 -40.96
CA CYS A 195 -51.35 3.75 -40.80
C CYS A 195 -51.56 5.12 -41.43
N SER A 196 -50.74 6.08 -41.01
CA SER A 196 -50.81 7.41 -41.58
C SER A 196 -50.59 7.35 -43.08
N PRO A 197 -51.30 8.18 -43.88
CA PRO A 197 -51.01 8.23 -45.33
C PRO A 197 -49.55 8.56 -45.61
N MET A 198 -48.85 9.06 -44.58
CA MET A 198 -47.43 9.34 -44.69
C MET A 198 -46.63 8.07 -44.94
N CYS A 199 -47.01 6.97 -44.30
CA CYS A 199 -46.30 5.70 -44.44
C CYS A 199 -46.70 5.06 -45.76
N LYS A 200 -45.82 5.11 -46.75
CA LYS A 200 -46.20 4.63 -48.09
C LYS A 200 -46.04 3.13 -48.25
N GLY A 201 -45.30 2.46 -47.37
CA GLY A 201 -45.31 1.02 -47.34
C GLY A 201 -46.38 0.45 -46.44
N SER A 202 -47.21 1.31 -45.85
CA SER A 202 -48.19 0.91 -44.85
C SER A 202 -47.53 0.18 -43.68
N ARG A 203 -46.30 0.55 -43.37
CA ARG A 203 -45.51 -0.03 -42.28
C ARG A 203 -45.30 1.02 -41.19
N CYS A 204 -45.84 0.77 -40.01
CA CYS A 204 -45.88 1.80 -38.97
C CYS A 204 -45.91 1.17 -37.59
N TRP A 205 -45.46 1.94 -36.60
CA TRP A 205 -45.46 1.57 -35.18
C TRP A 205 -46.66 2.13 -34.44
N GLY A 206 -47.57 2.78 -35.14
CA GLY A 206 -48.68 3.50 -34.54
C GLY A 206 -49.39 4.26 -35.63
N GLU A 207 -50.44 4.97 -35.23
CA GLU A 207 -51.25 5.65 -36.23
C GLU A 207 -50.77 7.05 -36.55
N SER A 208 -49.78 7.58 -35.83
CA SER A 208 -49.27 8.91 -36.10
C SER A 208 -48.41 8.93 -37.37
N SER A 209 -48.18 10.14 -37.89
CA SER A 209 -47.39 10.27 -39.11
C SER A 209 -45.90 10.06 -38.87
N GLU A 210 -45.43 10.23 -37.64
CA GLU A 210 -44.05 9.94 -37.28
C GLU A 210 -43.85 8.51 -36.78
N ASP A 211 -44.87 7.67 -36.87
CA ASP A 211 -44.75 6.27 -36.46
C ASP A 211 -44.48 5.33 -37.63
N CYS A 212 -44.26 5.87 -38.82
CA CYS A 212 -43.88 5.05 -39.96
C CYS A 212 -42.56 4.34 -39.67
N GLN A 213 -42.43 3.12 -40.17
CA GLN A 213 -41.16 2.40 -40.01
C GLN A 213 -40.16 2.87 -41.05
N SER A 214 -38.98 3.28 -40.58
CA SER A 214 -37.88 3.61 -41.47
C SER A 214 -37.06 2.35 -41.74
N LEU A 215 -36.92 2.01 -43.02
CA LEU A 215 -36.14 0.84 -43.42
C LEU A 215 -34.69 1.24 -43.61
N THR A 216 -33.79 0.49 -42.99
CA THR A 216 -32.38 0.82 -43.05
C THR A 216 -31.53 -0.23 -43.73
N ARG A 217 -32.10 -1.31 -44.20
CA ARG A 217 -31.21 -2.36 -44.69
C ARG A 217 -31.69 -3.03 -45.96
N THR A 218 -32.98 -3.32 -46.08
CA THR A 218 -33.52 -3.88 -47.32
C THR A 218 -33.62 -2.85 -48.44
N VAL A 219 -33.32 -1.59 -48.15
CA VAL A 219 -33.46 -0.49 -49.11
C VAL A 219 -32.14 -0.15 -49.80
N CYS A 220 -31.03 -0.67 -49.32
CA CYS A 220 -29.70 -0.12 -49.58
C CYS A 220 -29.15 -0.51 -50.95
N ALA A 221 -28.37 0.42 -51.51
CA ALA A 221 -27.71 0.18 -52.80
C ALA A 221 -26.48 -0.69 -52.61
N GLY A 222 -26.21 -1.53 -53.61
CA GLY A 222 -25.15 -2.50 -53.45
C GLY A 222 -25.49 -3.48 -52.33
N GLY A 223 -24.46 -3.86 -51.58
CA GLY A 223 -24.63 -4.82 -50.52
C GLY A 223 -24.37 -4.27 -49.13
N CYS A 224 -24.61 -2.97 -48.95
CA CYS A 224 -24.33 -2.32 -47.68
C CYS A 224 -25.20 -2.92 -46.58
N ALA A 225 -24.66 -2.95 -45.36
CA ALA A 225 -25.44 -3.42 -44.22
C ALA A 225 -26.52 -2.41 -43.83
N ARG A 226 -26.24 -1.12 -43.94
CA ARG A 226 -27.19 -0.09 -43.54
C ARG A 226 -27.01 1.15 -44.42
N CYS A 227 -28.11 1.88 -44.63
CA CYS A 227 -28.09 3.09 -45.44
C CYS A 227 -29.13 4.08 -44.93
N LYS A 228 -28.98 5.32 -45.39
CA LYS A 228 -29.91 6.41 -45.12
C LYS A 228 -30.82 6.69 -46.32
N GLY A 229 -30.75 5.85 -47.36
CA GLY A 229 -31.45 6.08 -48.59
C GLY A 229 -31.03 5.08 -49.64
N PRO A 230 -31.59 5.21 -50.85
CA PRO A 230 -31.40 4.18 -51.87
C PRO A 230 -30.14 4.32 -52.71
N LEU A 231 -29.45 5.45 -52.66
CA LEU A 231 -28.20 5.62 -53.37
C LEU A 231 -27.03 5.05 -52.57
N PRO A 232 -25.94 4.67 -53.25
CA PRO A 232 -24.74 4.21 -52.52
C PRO A 232 -24.00 5.30 -51.76
N THR A 233 -24.24 6.59 -52.05
CA THR A 233 -23.72 7.61 -51.16
C THR A 233 -24.49 7.66 -49.86
N ASP A 234 -25.69 7.07 -49.85
CA ASP A 234 -26.49 6.95 -48.63
C ASP A 234 -26.00 5.84 -47.71
N CYS A 235 -25.02 5.04 -48.14
CA CYS A 235 -24.60 3.88 -47.37
C CYS A 235 -23.85 4.28 -46.11
N CYS A 236 -23.94 3.43 -45.10
CA CYS A 236 -23.34 3.68 -43.80
C CYS A 236 -22.02 2.94 -43.68
N HIS A 237 -21.07 3.56 -42.96
CA HIS A 237 -19.78 2.94 -42.68
C HIS A 237 -19.96 1.53 -42.14
N GLU A 238 -18.95 0.69 -42.39
CA GLU A 238 -19.03 -0.70 -41.95
C GLU A 238 -19.21 -0.82 -40.45
N GLN A 239 -18.67 0.12 -39.67
CA GLN A 239 -18.72 0.05 -38.22
C GLN A 239 -20.02 0.58 -37.62
N CYS A 240 -20.97 1.01 -38.45
CA CYS A 240 -22.25 1.50 -37.95
C CYS A 240 -23.23 0.35 -37.75
N ALA A 241 -24.06 0.48 -36.71
CA ALA A 241 -25.28 -0.31 -36.59
C ALA A 241 -26.48 0.64 -36.66
N ALA A 242 -27.61 0.11 -37.12
CA ALA A 242 -28.92 0.77 -37.07
C ALA A 242 -29.14 1.83 -38.15
N GLY A 243 -28.09 2.52 -38.56
CA GLY A 243 -28.24 3.56 -39.56
C GLY A 243 -27.21 4.66 -39.36
N CYS A 244 -27.32 5.69 -40.19
CA CYS A 244 -26.35 6.77 -40.17
C CYS A 244 -26.97 8.07 -40.67
N THR A 245 -26.37 9.18 -40.26
CA THR A 245 -26.65 10.50 -40.80
C THR A 245 -25.62 10.91 -41.84
N GLY A 246 -24.67 10.03 -42.16
CA GLY A 246 -23.63 10.32 -43.12
C GLY A 246 -22.74 9.11 -43.34
N PRO A 247 -21.77 9.23 -44.25
CA PRO A 247 -20.98 8.06 -44.64
C PRO A 247 -19.79 7.79 -43.74
N LYS A 248 -19.42 8.77 -42.91
CA LYS A 248 -18.27 8.61 -42.03
C LYS A 248 -18.59 7.66 -40.89
N HIS A 249 -17.52 7.18 -40.25
CA HIS A 249 -17.64 6.43 -39.01
C HIS A 249 -17.91 7.32 -37.80
N SER A 250 -18.23 8.58 -38.04
CA SER A 250 -18.66 9.50 -36.99
C SER A 250 -20.10 9.95 -37.20
N ASP A 251 -20.81 9.35 -38.15
CA ASP A 251 -22.20 9.68 -38.43
C ASP A 251 -23.12 8.50 -38.14
N CYS A 252 -22.63 7.48 -37.44
CA CYS A 252 -23.46 6.34 -37.08
C CYS A 252 -24.53 6.76 -36.07
N LEU A 253 -25.69 6.12 -36.17
CA LEU A 253 -26.68 6.20 -35.11
C LEU A 253 -26.38 5.25 -33.97
N ALA A 254 -25.60 4.20 -34.24
CA ALA A 254 -25.14 3.26 -33.23
C ALA A 254 -23.86 2.62 -33.72
N CYS A 255 -23.04 2.16 -32.77
CA CYS A 255 -21.79 1.50 -33.08
C CYS A 255 -21.98 -0.01 -33.05
N LEU A 256 -21.49 -0.70 -34.09
CA LEU A 256 -21.59 -2.15 -34.12
C LEU A 256 -20.67 -2.81 -33.12
N HIS A 257 -19.60 -2.13 -32.70
CA HIS A 257 -18.72 -2.69 -31.68
C HIS A 257 -18.41 -1.69 -30.58
N PHE A 258 -17.65 -0.62 -30.86
CA PHE A 258 -17.27 0.29 -29.78
C PHE A 258 -17.33 1.77 -30.18
N ASN A 259 -17.83 2.57 -29.24
CA ASN A 259 -18.08 4.02 -29.33
C ASN A 259 -16.83 4.68 -28.75
N HIS A 260 -15.83 4.93 -29.61
CA HIS A 260 -14.55 5.53 -29.22
C HIS A 260 -14.66 7.05 -29.40
N SER A 261 -15.22 7.69 -28.37
CA SER A 261 -15.32 9.15 -28.30
C SER A 261 -15.97 9.75 -29.54
N GLY A 262 -16.99 9.08 -30.06
CA GLY A 262 -17.70 9.53 -31.24
C GLY A 262 -17.39 8.75 -32.50
N ILE A 263 -16.31 7.97 -32.53
CA ILE A 263 -15.93 7.18 -33.69
C ILE A 263 -16.30 5.73 -33.42
N CYS A 264 -17.08 5.14 -34.32
CA CYS A 264 -17.39 3.71 -34.19
C CYS A 264 -16.23 2.87 -34.72
N GLU A 265 -15.75 1.95 -33.90
CA GLU A 265 -14.55 1.19 -34.21
C GLU A 265 -14.74 -0.27 -33.80
N LEU A 266 -13.90 -1.13 -34.40
CA LEU A 266 -13.97 -2.57 -34.20
C LEU A 266 -13.36 -2.99 -32.88
N HIS A 267 -12.39 -2.23 -32.37
CA HIS A 267 -11.80 -2.51 -31.07
C HIS A 267 -11.26 -1.19 -30.51
N CYS A 268 -11.02 -1.19 -29.21
CA CYS A 268 -10.47 -0.02 -28.55
C CYS A 268 -8.95 0.01 -28.71
N PRO A 269 -8.33 1.18 -28.58
CA PRO A 269 -6.86 1.23 -28.62
C PRO A 269 -6.28 0.48 -27.44
N ALA A 270 -5.28 -0.36 -27.72
CA ALA A 270 -4.71 -1.20 -26.68
C ALA A 270 -3.96 -0.37 -25.65
N LEU A 271 -3.83 -0.91 -24.45
CA LEU A 271 -3.20 -0.16 -23.36
C LEU A 271 -1.69 -0.09 -23.52
N VAL A 272 -1.08 -1.09 -24.17
CA VAL A 272 0.35 -1.07 -24.43
C VAL A 272 0.59 -1.26 -25.92
N THR A 273 1.57 -0.55 -26.45
CA THR A 273 2.09 -0.78 -27.79
C THR A 273 3.52 -1.30 -27.69
N TYR A 274 3.96 -1.98 -28.74
CA TYR A 274 5.26 -2.63 -28.75
C TYR A 274 6.21 -1.87 -29.66
N ASN A 275 7.42 -1.61 -29.15
CA ASN A 275 8.47 -1.01 -29.96
C ASN A 275 8.74 -1.87 -31.18
N THR A 276 8.61 -1.29 -32.38
CA THR A 276 8.64 -2.06 -33.61
C THR A 276 9.97 -2.79 -33.82
N ASP A 277 11.04 -2.37 -33.15
CA ASP A 277 12.35 -2.99 -33.28
C ASP A 277 12.63 -4.01 -32.18
N THR A 278 12.34 -3.67 -30.92
CA THR A 278 12.65 -4.55 -29.79
C THR A 278 11.44 -5.24 -29.21
N PHE A 279 10.23 -4.78 -29.53
CA PHE A 279 8.98 -5.35 -29.02
C PHE A 279 8.93 -5.37 -27.50
N GLU A 280 9.49 -4.33 -26.88
CA GLU A 280 9.29 -4.07 -25.47
C GLU A 280 7.95 -3.34 -25.29
N SER A 281 7.25 -3.68 -24.22
CA SER A 281 5.99 -3.00 -23.94
C SER A 281 6.24 -1.55 -23.55
N MET A 282 5.37 -0.66 -24.04
CA MET A 282 5.35 0.70 -23.57
C MET A 282 3.90 1.15 -23.48
N PRO A 283 3.54 1.87 -22.42
CA PRO A 283 2.13 2.25 -22.21
C PRO A 283 1.65 3.20 -23.30
N ASN A 284 0.50 2.86 -23.89
CA ASN A 284 -0.09 3.63 -24.97
C ASN A 284 -0.86 4.81 -24.39
N PRO A 285 -0.43 6.05 -24.67
CA PRO A 285 -1.16 7.22 -24.16
C PRO A 285 -2.59 7.32 -24.65
N GLU A 286 -2.92 6.68 -25.78
CA GLU A 286 -4.27 6.70 -26.32
C GLU A 286 -5.06 5.45 -25.94
N GLY A 287 -4.51 4.56 -25.13
CA GLY A 287 -5.18 3.32 -24.82
C GLY A 287 -6.47 3.53 -24.05
N ARG A 288 -7.37 2.56 -24.20
CA ARG A 288 -8.67 2.62 -23.55
C ARG A 288 -9.06 1.24 -23.03
N TYR A 289 -9.98 1.25 -22.07
CA TYR A 289 -10.61 0.04 -21.58
C TYR A 289 -11.92 -0.18 -22.31
N THR A 290 -12.23 -1.44 -22.60
CA THR A 290 -13.55 -1.78 -23.10
C THR A 290 -14.53 -1.78 -21.94
N PHE A 291 -15.70 -1.19 -22.17
CA PHE A 291 -16.74 -1.09 -21.14
C PHE A 291 -18.07 -1.11 -21.90
N GLY A 292 -18.73 -2.26 -21.89
CA GLY A 292 -19.88 -2.44 -22.76
C GLY A 292 -19.45 -2.26 -24.20
N ALA A 293 -20.17 -1.41 -24.92
CA ALA A 293 -19.82 -1.04 -26.28
C ALA A 293 -19.07 0.31 -26.34
N SER A 294 -18.31 0.63 -25.30
CA SER A 294 -17.61 1.91 -25.21
C SER A 294 -16.13 1.68 -24.95
N CYS A 295 -15.33 2.64 -25.41
CA CYS A 295 -13.92 2.75 -25.02
C CYS A 295 -13.79 3.91 -24.04
N VAL A 296 -13.21 3.64 -22.87
CA VAL A 296 -13.17 4.64 -21.79
C VAL A 296 -11.77 4.74 -21.22
N THR A 297 -11.47 5.92 -20.65
CA THR A 297 -10.13 6.17 -20.12
C THR A 297 -9.89 5.42 -18.82
N ALA A 298 -10.92 5.31 -17.98
CA ALA A 298 -10.82 4.59 -16.72
C ALA A 298 -12.10 3.80 -16.49
N CYS A 299 -11.97 2.63 -15.88
CA CYS A 299 -13.16 1.85 -15.55
C CYS A 299 -14.01 2.63 -14.55
N PRO A 300 -15.33 2.65 -14.71
CA PRO A 300 -16.18 3.43 -13.81
C PRO A 300 -16.20 2.84 -12.41
N TYR A 301 -16.79 3.61 -11.49
CA TYR A 301 -16.79 3.24 -10.09
C TYR A 301 -17.46 1.90 -9.88
N ASN A 302 -16.81 1.04 -9.07
CA ASN A 302 -17.23 -0.30 -8.65
C ASN A 302 -16.94 -1.37 -9.69
N TYR A 303 -16.25 -1.05 -10.77
CA TYR A 303 -15.81 -2.06 -11.72
C TYR A 303 -14.32 -2.35 -11.53
N LEU A 304 -13.90 -3.50 -12.03
CA LEU A 304 -12.52 -3.94 -11.94
C LEU A 304 -11.80 -3.70 -13.25
N SER A 305 -10.57 -3.17 -13.17
CA SER A 305 -9.72 -3.08 -14.34
C SER A 305 -8.98 -4.40 -14.56
N THR A 306 -8.60 -4.64 -15.81
CA THR A 306 -7.96 -5.89 -16.19
C THR A 306 -6.67 -5.56 -16.92
N ASP A 307 -5.69 -6.47 -16.82
CA ASP A 307 -4.51 -6.35 -17.68
C ASP A 307 -4.88 -6.46 -19.14
N VAL A 308 -5.90 -7.27 -19.45
CA VAL A 308 -6.42 -7.43 -20.79
C VAL A 308 -7.04 -6.14 -21.33
N GLY A 309 -7.28 -5.16 -20.47
CA GLY A 309 -7.84 -3.90 -20.92
C GLY A 309 -9.35 -3.84 -20.91
N SER A 310 -9.99 -4.54 -19.99
CA SER A 310 -11.44 -4.61 -19.90
C SER A 310 -11.88 -4.15 -18.51
N CYS A 311 -13.18 -3.84 -18.41
CA CYS A 311 -13.84 -3.48 -17.16
C CYS A 311 -14.89 -4.56 -16.88
N THR A 312 -14.69 -5.32 -15.81
CA THR A 312 -15.56 -6.44 -15.50
C THR A 312 -16.04 -6.36 -14.05
N LEU A 313 -16.94 -7.27 -13.69
CA LEU A 313 -17.46 -7.40 -12.34
C LEU A 313 -16.96 -8.65 -11.63
N VAL A 314 -16.19 -9.48 -12.31
CA VAL A 314 -15.52 -10.64 -11.72
C VAL A 314 -14.15 -10.78 -12.37
N CYS A 315 -13.19 -11.28 -11.61
CA CYS A 315 -11.84 -11.41 -12.13
C CYS A 315 -11.74 -12.61 -13.07
N PRO A 316 -10.69 -12.65 -13.90
CA PRO A 316 -10.37 -13.90 -14.59
C PRO A 316 -9.99 -14.98 -13.59
N LEU A 317 -9.74 -16.20 -14.08
CA LEU A 317 -9.68 -17.34 -13.16
C LEU A 317 -8.32 -17.49 -12.48
N HIS A 318 -7.22 -17.16 -13.17
CA HIS A 318 -5.90 -17.14 -12.55
C HIS A 318 -5.56 -15.77 -11.96
N ASN A 319 -6.54 -15.06 -11.41
CA ASN A 319 -6.36 -13.67 -11.02
C ASN A 319 -6.88 -13.43 -9.61
N GLN A 320 -6.41 -12.33 -9.02
CA GLN A 320 -6.87 -11.88 -7.72
C GLN A 320 -7.12 -10.38 -7.77
N GLU A 321 -7.97 -9.92 -6.86
CA GLU A 321 -8.29 -8.50 -6.77
C GLU A 321 -7.25 -7.78 -5.92
N VAL A 322 -6.92 -6.55 -6.32
CA VAL A 322 -5.94 -5.73 -5.61
C VAL A 322 -6.51 -4.33 -5.49
N THR A 323 -6.48 -3.76 -4.29
CA THR A 323 -7.03 -2.44 -4.03
C THR A 323 -5.90 -1.43 -3.85
N ALA A 324 -6.05 -0.27 -4.47
CA ALA A 324 -5.00 0.73 -4.50
C ALA A 324 -5.22 1.77 -3.40
N GLU A 325 -4.29 2.72 -3.32
CA GLU A 325 -4.38 3.83 -2.38
C GLU A 325 -5.76 4.50 -2.41
N ASP A 326 -6.28 4.72 -3.61
CA ASP A 326 -7.46 5.56 -3.81
C ASP A 326 -8.77 4.82 -3.57
N GLY A 327 -8.75 3.49 -3.56
CA GLY A 327 -9.95 2.69 -3.56
C GLY A 327 -10.14 1.90 -4.84
N THR A 328 -9.42 2.26 -5.90
CA THR A 328 -9.43 1.50 -7.15
C THR A 328 -9.15 0.03 -6.88
N GLN A 329 -9.85 -0.84 -7.61
CA GLN A 329 -9.63 -2.27 -7.55
C GLN A 329 -9.33 -2.80 -8.94
N ARG A 330 -8.26 -3.59 -9.06
CA ARG A 330 -7.83 -4.19 -10.32
C ARG A 330 -7.83 -5.70 -10.19
N CYS A 331 -7.89 -6.38 -11.33
CA CYS A 331 -7.75 -7.83 -11.41
C CYS A 331 -6.35 -8.12 -11.94
N GLU A 332 -5.42 -8.47 -11.06
CA GLU A 332 -4.07 -8.75 -11.50
C GLU A 332 -3.77 -10.23 -11.34
N LYS A 333 -3.01 -10.76 -12.30
CA LYS A 333 -2.77 -12.18 -12.41
C LYS A 333 -1.98 -12.69 -11.21
N CYS A 334 -2.48 -13.76 -10.60
CA CYS A 334 -1.75 -14.41 -9.52
C CYS A 334 -0.35 -14.79 -9.99
N SER A 335 0.66 -14.19 -9.36
CA SER A 335 2.04 -14.52 -9.71
C SER A 335 2.38 -15.97 -9.39
N LYS A 336 1.60 -16.60 -8.53
CA LYS A 336 1.80 -17.97 -8.08
C LYS A 336 0.42 -18.63 -7.98
N PRO A 337 0.28 -19.84 -7.43
CA PRO A 337 -1.07 -20.37 -7.19
C PRO A 337 -1.90 -19.42 -6.34
N CYS A 338 -3.12 -19.13 -6.82
CA CYS A 338 -4.00 -18.21 -6.11
C CYS A 338 -4.40 -18.77 -4.76
N ALA A 339 -4.26 -17.96 -3.72
CA ALA A 339 -4.64 -18.37 -2.39
C ALA A 339 -6.16 -18.53 -2.29
N ARG A 340 -6.59 -19.28 -1.27
CA ARG A 340 -7.99 -19.58 -1.09
C ARG A 340 -8.79 -18.31 -0.81
N VAL A 341 -10.05 -18.30 -1.28
CA VAL A 341 -10.97 -17.19 -1.04
C VAL A 341 -12.33 -17.76 -0.68
N CYS A 342 -13.10 -16.96 0.06
CA CYS A 342 -14.45 -17.33 0.45
C CYS A 342 -15.42 -16.90 -0.65
N TYR A 343 -16.11 -17.88 -1.25
CA TYR A 343 -17.09 -17.62 -2.29
C TYR A 343 -18.49 -17.61 -1.71
N GLY A 344 -19.33 -16.70 -2.19
CA GLY A 344 -20.71 -16.63 -1.77
C GLY A 344 -21.62 -17.40 -2.69
N LEU A 345 -22.93 -17.31 -2.41
CA LEU A 345 -23.93 -17.89 -3.28
C LEU A 345 -23.83 -17.29 -4.67
N GLY A 346 -24.18 -18.09 -5.68
CA GLY A 346 -24.04 -17.67 -7.06
C GLY A 346 -22.62 -17.65 -7.57
N MET A 347 -21.71 -18.34 -6.89
CA MET A 347 -20.29 -18.28 -7.22
C MET A 347 -19.66 -19.66 -6.99
N GLU A 348 -18.93 -20.14 -8.00
CA GLU A 348 -18.08 -21.33 -7.92
C GLU A 348 -18.91 -22.50 -7.36
N HIS A 349 -18.46 -23.17 -6.29
CA HIS A 349 -19.17 -24.34 -5.79
C HIS A 349 -20.52 -23.99 -5.19
N LEU A 350 -20.76 -22.73 -4.85
CA LEU A 350 -22.04 -22.27 -4.34
C LEU A 350 -22.88 -21.62 -5.44
N ARG A 351 -22.60 -21.93 -6.70
CA ARG A 351 -23.25 -21.24 -7.81
C ARG A 351 -24.74 -21.54 -7.87
N GLU A 352 -25.13 -22.77 -7.58
CA GLU A 352 -26.53 -23.20 -7.69
C GLU A 352 -27.28 -23.14 -6.36
N VAL A 353 -26.66 -22.61 -5.30
CA VAL A 353 -27.21 -22.74 -3.96
C VAL A 353 -28.15 -21.58 -3.67
N ARG A 354 -29.39 -21.91 -3.33
CA ARG A 354 -30.40 -20.89 -3.10
C ARG A 354 -30.13 -20.07 -1.85
N ALA A 355 -29.74 -20.72 -0.76
CA ALA A 355 -29.73 -20.03 0.53
C ALA A 355 -28.65 -20.60 1.43
N VAL A 356 -28.26 -19.77 2.41
CA VAL A 356 -27.40 -20.23 3.50
C VAL A 356 -28.19 -21.19 4.38
N THR A 357 -27.63 -22.37 4.63
CA THR A 357 -28.25 -23.33 5.51
C THR A 357 -27.20 -23.90 6.46
N SER A 358 -27.67 -24.73 7.39
CA SER A 358 -26.76 -25.49 8.23
C SER A 358 -25.84 -26.39 7.42
N ALA A 359 -26.23 -26.71 6.17
CA ALA A 359 -25.39 -27.54 5.33
C ALA A 359 -24.15 -26.80 4.84
N ASN A 360 -24.21 -25.47 4.71
CA ASN A 360 -23.12 -24.70 4.14
C ASN A 360 -22.63 -23.55 5.00
N ILE A 361 -23.11 -23.40 6.23
CA ILE A 361 -22.72 -22.25 7.04
C ILE A 361 -21.22 -22.30 7.35
N GLN A 362 -20.68 -23.51 7.58
CA GLN A 362 -19.26 -23.66 7.87
C GLN A 362 -18.39 -23.07 6.78
N GLU A 363 -18.93 -22.99 5.55
CA GLU A 363 -18.19 -22.44 4.42
C GLU A 363 -17.72 -21.02 4.66
N PHE A 364 -18.31 -20.32 5.63
CA PHE A 364 -18.01 -18.91 5.83
C PHE A 364 -17.16 -18.66 7.07
N ALA A 365 -16.72 -19.71 7.75
CA ALA A 365 -15.87 -19.57 8.93
C ALA A 365 -14.58 -18.84 8.60
N GLY A 366 -14.33 -17.74 9.30
CA GLY A 366 -13.10 -17.00 9.19
C GLY A 366 -13.03 -15.95 8.10
N CYS A 367 -14.12 -15.72 7.38
CA CYS A 367 -14.06 -14.91 6.16
C CYS A 367 -14.17 -13.42 6.47
N LYS A 368 -13.23 -12.65 5.93
CA LYS A 368 -13.31 -11.19 5.91
C LYS A 368 -14.01 -10.66 4.66
N LYS A 369 -13.92 -11.40 3.56
CA LYS A 369 -14.39 -10.92 2.26
C LYS A 369 -15.04 -12.08 1.53
N ILE A 370 -16.29 -11.91 1.12
CA ILE A 370 -17.05 -12.96 0.43
C ILE A 370 -17.22 -12.56 -1.01
N PHE A 371 -16.76 -13.42 -1.92
CA PHE A 371 -16.91 -13.23 -3.36
C PHE A 371 -18.20 -13.94 -3.77
N GLY A 372 -19.28 -13.17 -3.91
CA GLY A 372 -20.60 -13.69 -4.10
C GLY A 372 -21.57 -12.99 -3.17
N SER A 373 -22.69 -13.66 -2.89
CA SER A 373 -23.77 -13.06 -2.13
C SER A 373 -24.19 -13.97 -1.00
N LEU A 374 -25.06 -13.42 -0.13
CA LEU A 374 -25.64 -14.15 0.98
C LEU A 374 -27.15 -13.95 0.95
N ALA A 375 -27.88 -15.06 0.93
CA ALA A 375 -29.34 -15.04 0.97
C ALA A 375 -29.83 -15.90 2.13
N PHE A 376 -30.65 -15.31 2.99
CA PHE A 376 -31.28 -16.00 4.10
C PHE A 376 -32.77 -16.07 3.81
N LEU A 377 -33.24 -17.26 3.48
CA LEU A 377 -34.61 -17.55 3.14
C LEU A 377 -35.27 -18.33 4.27
N PRO A 378 -36.61 -18.40 4.30
CA PRO A 378 -37.24 -19.26 5.31
C PRO A 378 -36.65 -20.66 5.39
N GLU A 379 -36.33 -21.25 4.24
CA GLU A 379 -35.71 -22.56 4.20
C GLU A 379 -34.35 -22.58 4.88
N SER A 380 -33.73 -21.41 5.10
CA SER A 380 -32.48 -21.38 5.84
C SER A 380 -32.63 -21.96 7.23
N PHE A 381 -33.82 -21.82 7.83
CA PHE A 381 -34.02 -22.17 9.23
C PHE A 381 -34.91 -23.39 9.38
N ASP A 382 -34.92 -24.26 8.35
CA ASP A 382 -35.53 -25.58 8.41
C ASP A 382 -34.45 -26.58 7.97
N GLY A 383 -34.07 -27.47 8.88
CA GLY A 383 -32.98 -28.39 8.62
C GLY A 383 -33.36 -29.54 7.70
N ASP A 384 -32.40 -30.44 7.49
CA ASP A 384 -32.58 -31.62 6.66
C ASP A 384 -32.57 -32.86 7.53
N PRO A 385 -33.74 -33.35 7.94
CA PRO A 385 -33.77 -34.54 8.82
C PRO A 385 -33.32 -35.83 8.15
N ALA A 386 -33.24 -35.87 6.82
CA ALA A 386 -32.79 -37.09 6.14
C ALA A 386 -31.38 -37.44 6.55
N SER A 387 -30.48 -36.44 6.58
CA SER A 387 -29.12 -36.61 7.05
C SER A 387 -28.96 -36.26 8.52
N ASN A 388 -30.07 -36.09 9.25
CA ASN A 388 -30.05 -35.66 10.64
C ASN A 388 -29.25 -34.37 10.80
N THR A 389 -29.50 -33.41 9.89
CA THR A 389 -28.87 -32.10 9.94
C THR A 389 -29.84 -31.11 10.57
N ALA A 390 -29.49 -30.60 11.74
CA ALA A 390 -30.37 -29.68 12.46
C ALA A 390 -30.52 -28.37 11.69
N PRO A 391 -31.63 -27.66 11.89
CA PRO A 391 -31.82 -26.36 11.22
C PRO A 391 -30.77 -25.36 11.67
N LEU A 392 -30.60 -24.32 10.85
CA LEU A 392 -29.63 -23.29 11.16
C LEU A 392 -30.00 -22.58 12.45
N GLN A 393 -29.10 -22.60 13.39
CA GLN A 393 -29.33 -22.08 14.73
C GLN A 393 -28.76 -20.68 14.87
N PRO A 394 -29.42 -19.82 15.64
CA PRO A 394 -28.99 -18.42 15.75
C PRO A 394 -27.54 -18.25 16.16
N GLU A 395 -26.99 -19.20 16.92
CA GLU A 395 -25.60 -19.10 17.36
C GLU A 395 -24.63 -19.28 16.18
N GLN A 396 -25.00 -20.11 15.21
CA GLN A 396 -24.11 -20.36 14.08
C GLN A 396 -23.87 -19.11 13.26
N LEU A 397 -24.83 -18.18 13.24
CA LEU A 397 -24.70 -16.95 12.47
C LEU A 397 -23.52 -16.10 12.92
N GLN A 398 -23.04 -16.26 14.16
CA GLN A 398 -21.86 -15.55 14.61
C GLN A 398 -20.65 -15.84 13.73
N VAL A 399 -20.71 -16.88 12.89
CA VAL A 399 -19.66 -17.14 11.91
C VAL A 399 -19.37 -15.90 11.07
N PHE A 400 -20.36 -15.01 10.91
CA PHE A 400 -20.21 -13.83 10.08
C PHE A 400 -19.64 -12.63 10.81
N GLU A 401 -19.21 -12.77 12.06
CA GLU A 401 -18.80 -11.57 12.79
C GLU A 401 -17.44 -11.04 12.36
N THR A 402 -16.68 -11.78 11.57
CA THR A 402 -15.46 -11.28 10.97
C THR A 402 -15.69 -10.71 9.57
N LEU A 403 -16.90 -10.83 9.05
CA LEU A 403 -17.21 -10.44 7.67
C LEU A 403 -17.15 -8.92 7.52
N GLU A 404 -16.32 -8.45 6.58
CA GLU A 404 -16.18 -7.03 6.33
C GLU A 404 -16.60 -6.59 4.94
N GLU A 405 -16.66 -7.49 3.96
CA GLU A 405 -17.03 -7.10 2.62
C GLU A 405 -17.84 -8.20 1.93
N ILE A 406 -18.88 -7.80 1.22
CA ILE A 406 -19.67 -8.67 0.36
C ILE A 406 -19.65 -8.07 -1.04
N THR A 407 -19.07 -8.79 -2.00
CA THR A 407 -18.99 -8.27 -3.37
C THR A 407 -20.35 -8.32 -4.07
N GLY A 408 -21.19 -9.29 -3.72
CA GLY A 408 -22.51 -9.37 -4.30
C GLY A 408 -23.54 -8.61 -3.50
N TYR A 409 -24.67 -9.23 -3.21
CA TYR A 409 -25.75 -8.58 -2.48
C TYR A 409 -26.01 -9.31 -1.15
N LEU A 410 -26.85 -8.69 -0.33
CA LEU A 410 -27.32 -9.30 0.92
C LEU A 410 -28.83 -9.29 0.90
N TYR A 411 -29.42 -10.48 0.94
CA TYR A 411 -30.87 -10.66 0.88
C TYR A 411 -31.30 -11.42 2.14
N ILE A 412 -32.15 -10.80 2.95
CA ILE A 412 -32.65 -11.40 4.18
C ILE A 412 -34.18 -11.32 4.16
N SER A 413 -34.82 -12.49 3.99
CA SER A 413 -36.26 -12.62 4.06
C SER A 413 -36.71 -13.54 5.19
N ALA A 414 -35.78 -13.97 6.06
CA ALA A 414 -36.10 -14.73 7.25
C ALA A 414 -34.96 -14.54 8.24
N TRP A 415 -35.32 -14.50 9.53
CA TRP A 415 -34.34 -14.24 10.57
C TRP A 415 -34.90 -14.75 11.88
N PRO A 416 -34.06 -15.30 12.77
CA PRO A 416 -34.60 -15.88 14.02
C PRO A 416 -35.25 -14.80 14.87
N ASP A 417 -36.50 -15.08 15.29
CA ASP A 417 -37.24 -14.12 16.10
C ASP A 417 -36.54 -13.81 17.42
N SER A 418 -35.61 -14.64 17.85
CA SER A 418 -34.87 -14.35 19.07
C SER A 418 -33.78 -13.30 18.87
N LEU A 419 -33.54 -12.86 17.63
CA LEU A 419 -32.42 -11.94 17.37
C LEU A 419 -32.93 -10.52 17.20
N PRO A 420 -32.53 -9.59 18.07
CA PRO A 420 -33.05 -8.22 17.97
C PRO A 420 -32.68 -7.51 16.68
N ASP A 421 -31.55 -7.84 16.05
CA ASP A 421 -31.01 -7.00 14.97
C ASP A 421 -30.20 -7.87 14.01
N LEU A 422 -29.41 -7.20 13.17
CA LEU A 422 -28.47 -7.86 12.27
C LEU A 422 -27.03 -7.69 12.75
N SER A 423 -26.78 -7.90 14.05
CA SER A 423 -25.49 -7.56 14.62
C SER A 423 -24.42 -8.62 14.40
N VAL A 424 -24.76 -9.83 13.93
CA VAL A 424 -23.67 -10.71 13.51
C VAL A 424 -23.01 -10.14 12.27
N PHE A 425 -23.62 -9.14 11.63
CA PHE A 425 -23.03 -8.35 10.57
C PHE A 425 -22.55 -6.98 11.07
N GLN A 426 -22.24 -6.85 12.37
CA GLN A 426 -21.72 -5.58 12.90
C GLN A 426 -20.53 -5.06 12.09
N ASN A 427 -19.67 -5.96 11.62
CA ASN A 427 -18.40 -5.58 11.04
C ASN A 427 -18.44 -5.47 9.53
N LEU A 428 -19.61 -5.68 8.92
CA LEU A 428 -19.77 -5.51 7.48
C LEU A 428 -19.52 -4.05 7.11
N GLN A 429 -18.54 -3.81 6.24
CA GLN A 429 -18.19 -2.46 5.81
C GLN A 429 -18.77 -2.12 4.44
N VAL A 430 -18.61 -3.01 3.46
CA VAL A 430 -19.07 -2.76 2.09
C VAL A 430 -20.00 -3.88 1.66
N ILE A 431 -21.09 -3.50 1.00
CA ILE A 431 -21.81 -4.38 0.11
C ILE A 431 -21.66 -3.77 -1.28
N ARG A 432 -20.84 -4.39 -2.11
CA ARG A 432 -20.49 -3.78 -3.39
C ARG A 432 -21.63 -3.84 -4.40
N GLY A 433 -22.43 -4.91 -4.37
CA GLY A 433 -23.54 -5.00 -5.29
C GLY A 433 -23.15 -5.22 -6.73
N ARG A 434 -22.01 -5.88 -6.97
CA ARG A 434 -21.66 -6.26 -8.33
C ARG A 434 -22.61 -7.31 -8.88
N ILE A 435 -23.28 -8.05 -7.98
CA ILE A 435 -24.41 -8.89 -8.30
C ILE A 435 -25.58 -8.41 -7.45
N LEU A 436 -26.71 -8.15 -8.08
CA LEU A 436 -27.88 -7.61 -7.42
C LEU A 436 -29.01 -8.63 -7.43
N HIS A 437 -29.74 -8.73 -6.32
CA HIS A 437 -30.92 -9.59 -6.32
C HIS A 437 -31.96 -9.04 -7.29
N ASN A 438 -32.48 -9.91 -8.15
CA ASN A 438 -33.38 -9.52 -9.23
C ASN A 438 -32.78 -8.44 -10.11
N GLY A 439 -31.45 -8.32 -10.10
CA GLY A 439 -30.75 -7.33 -10.87
C GLY A 439 -30.86 -5.91 -10.38
N ALA A 440 -31.50 -5.66 -9.24
CA ALA A 440 -31.74 -4.30 -8.79
C ALA A 440 -31.24 -4.01 -7.38
N TYR A 441 -31.45 -4.93 -6.44
CA TYR A 441 -31.28 -4.62 -5.02
C TYR A 441 -30.01 -5.25 -4.47
N SER A 442 -29.15 -4.41 -3.89
CA SER A 442 -27.96 -4.86 -3.18
C SER A 442 -28.23 -5.21 -1.73
N LEU A 443 -29.28 -4.64 -1.13
CA LEU A 443 -29.63 -4.90 0.26
C LEU A 443 -31.14 -5.05 0.34
N THR A 444 -31.60 -6.22 0.77
CA THR A 444 -33.04 -6.47 0.91
C THR A 444 -33.33 -7.04 2.28
N LEU A 445 -34.29 -6.44 2.98
CA LEU A 445 -34.76 -6.92 4.27
C LEU A 445 -36.27 -6.95 4.22
N GLN A 446 -36.87 -8.12 4.38
CA GLN A 446 -38.33 -8.16 4.27
C GLN A 446 -38.92 -9.25 5.15
N GLY A 447 -40.02 -8.92 5.82
CA GLY A 447 -40.78 -9.88 6.60
C GLY A 447 -40.09 -10.36 7.86
N LEU A 448 -39.21 -9.56 8.44
CA LEU A 448 -38.42 -9.96 9.60
C LEU A 448 -39.05 -9.43 10.89
N GLY A 449 -38.53 -9.94 12.00
CA GLY A 449 -39.00 -9.52 13.31
C GLY A 449 -38.05 -8.56 14.00
N ILE A 450 -36.90 -8.29 13.37
CA ILE A 450 -35.85 -7.45 13.95
C ILE A 450 -36.44 -6.11 14.37
N SER A 451 -35.85 -5.51 15.41
CA SER A 451 -36.31 -4.22 15.92
C SER A 451 -35.42 -3.06 15.54
N TRP A 452 -34.15 -3.32 15.21
CA TRP A 452 -33.29 -2.33 14.58
C TRP A 452 -32.32 -3.08 13.66
N LEU A 453 -31.49 -2.32 12.96
CA LEU A 453 -30.57 -2.91 11.97
C LEU A 453 -29.27 -3.38 12.63
N GLY A 454 -28.50 -2.44 13.17
CA GLY A 454 -27.26 -2.77 13.85
C GLY A 454 -26.07 -2.99 12.94
N LEU A 455 -26.16 -2.59 11.67
CA LEU A 455 -25.01 -2.67 10.75
C LEU A 455 -24.13 -1.44 10.97
N ARG A 456 -23.53 -1.37 12.16
CA ARG A 456 -22.85 -0.17 12.59
C ARG A 456 -21.61 0.16 11.76
N SER A 457 -21.04 -0.83 11.07
CA SER A 457 -19.85 -0.59 10.26
C SER A 457 -20.17 -0.36 8.79
N LEU A 458 -21.36 -0.74 8.33
CA LEU A 458 -21.72 -0.59 6.93
C LEU A 458 -21.69 0.88 6.52
N ARG A 459 -20.81 1.21 5.56
CA ARG A 459 -20.64 2.60 5.14
C ARG A 459 -20.60 2.76 3.62
N GLU A 460 -20.86 1.71 2.86
CA GLU A 460 -20.99 1.86 1.42
C GLU A 460 -21.85 0.75 0.85
N LEU A 461 -22.86 1.15 0.08
CA LEU A 461 -23.50 0.26 -0.89
C LEU A 461 -22.96 0.67 -2.26
N GLY A 462 -22.01 -0.11 -2.77
CA GLY A 462 -21.31 0.28 -3.98
C GLY A 462 -22.24 0.55 -5.15
N SER A 463 -23.26 -0.28 -5.32
CA SER A 463 -24.27 -0.07 -6.34
C SER A 463 -25.55 -0.78 -5.91
N GLY A 464 -26.60 -0.57 -6.69
CA GLY A 464 -27.89 -1.19 -6.41
C GLY A 464 -28.72 -0.40 -5.41
N LEU A 465 -29.97 -0.83 -5.27
CA LEU A 465 -30.91 -0.20 -4.36
C LEU A 465 -31.04 -1.01 -3.07
N ALA A 466 -31.56 -0.35 -2.04
CA ALA A 466 -31.87 -0.99 -0.78
C ALA A 466 -33.39 -1.02 -0.62
N LEU A 467 -33.93 -2.21 -0.36
CA LEU A 467 -35.37 -2.40 -0.21
C LEU A 467 -35.64 -2.95 1.18
N ILE A 468 -36.36 -2.18 1.99
CA ILE A 468 -36.70 -2.54 3.37
C ILE A 468 -38.20 -2.38 3.53
N HIS A 469 -38.89 -3.49 3.72
CA HIS A 469 -40.36 -3.45 3.68
C HIS A 469 -40.94 -4.61 4.47
N HIS A 470 -42.05 -4.31 5.17
CA HIS A 470 -42.84 -5.31 5.89
C HIS A 470 -42.08 -5.93 7.05
N ASN A 471 -41.37 -5.10 7.81
CA ASN A 471 -40.74 -5.51 9.06
C ASN A 471 -41.47 -4.75 10.18
N THR A 472 -42.47 -5.40 10.78
CA THR A 472 -43.47 -4.69 11.57
C THR A 472 -42.84 -3.96 12.75
N HIS A 473 -41.83 -4.55 13.37
CA HIS A 473 -41.23 -3.98 14.58
C HIS A 473 -39.97 -3.17 14.30
N LEU A 474 -39.59 -3.02 13.04
CA LEU A 474 -38.33 -2.37 12.69
C LEU A 474 -38.44 -0.86 12.85
N CYS A 475 -37.71 -0.30 13.79
CA CYS A 475 -37.47 1.13 13.89
C CYS A 475 -36.05 1.40 13.40
N PHE A 476 -35.59 2.64 13.57
CA PHE A 476 -34.22 3.05 13.26
C PHE A 476 -33.90 2.84 11.79
N VAL A 477 -34.86 3.15 10.92
CA VAL A 477 -34.62 3.23 9.48
C VAL A 477 -34.42 4.68 9.05
N HIS A 478 -35.28 5.58 9.54
CA HIS A 478 -35.11 7.01 9.34
C HIS A 478 -33.77 7.50 9.89
N THR A 479 -33.25 6.85 10.93
CA THR A 479 -32.04 7.30 11.61
C THR A 479 -30.76 6.98 10.84
N VAL A 480 -30.84 6.18 9.79
CA VAL A 480 -29.66 5.83 9.00
C VAL A 480 -29.47 6.88 7.91
N PRO A 481 -28.27 7.40 7.73
CA PRO A 481 -27.99 8.36 6.63
C PRO A 481 -27.70 7.64 5.31
N TRP A 482 -28.77 7.20 4.66
CA TRP A 482 -28.63 6.32 3.49
C TRP A 482 -27.88 7.00 2.35
N ASP A 483 -27.92 8.32 2.27
CA ASP A 483 -27.25 9.00 1.16
C ASP A 483 -25.73 8.87 1.26
N GLN A 484 -25.18 8.77 2.47
CA GLN A 484 -23.74 8.59 2.62
C GLN A 484 -23.29 7.17 2.33
N LEU A 485 -24.22 6.21 2.34
CA LEU A 485 -23.88 4.84 1.95
C LEU A 485 -23.83 4.67 0.44
N PHE A 486 -24.64 5.43 -0.29
CA PHE A 486 -24.76 5.29 -1.74
C PHE A 486 -23.58 5.96 -2.45
N ARG A 487 -23.35 5.52 -3.69
CA ARG A 487 -22.24 6.01 -4.50
C ARG A 487 -22.65 6.62 -5.84
N ASN A 488 -23.84 6.34 -6.33
CA ASN A 488 -24.31 6.93 -7.58
C ASN A 488 -25.77 7.38 -7.41
N PRO A 489 -26.20 8.35 -8.21
CA PRO A 489 -27.57 8.89 -8.01
C PRO A 489 -28.70 7.98 -8.48
N HIS A 490 -28.40 6.87 -9.14
CA HIS A 490 -29.43 5.89 -9.48
C HIS A 490 -29.83 5.04 -8.28
N GLN A 491 -29.37 5.39 -7.08
CA GLN A 491 -29.59 4.59 -5.88
C GLN A 491 -30.49 5.33 -4.90
N ALA A 492 -31.27 4.56 -4.15
CA ALA A 492 -32.14 5.11 -3.11
C ALA A 492 -32.58 3.98 -2.19
N LEU A 493 -33.23 4.37 -1.10
CA LEU A 493 -33.87 3.43 -0.19
C LEU A 493 -35.36 3.40 -0.47
N LEU A 494 -35.86 2.24 -0.87
CA LEU A 494 -37.30 1.98 -0.98
C LEU A 494 -37.74 1.25 0.27
N HIS A 495 -38.74 1.78 0.97
CA HIS A 495 -39.14 1.24 2.26
C HIS A 495 -40.64 1.37 2.42
N THR A 496 -41.28 0.31 2.92
CA THR A 496 -42.71 0.43 3.18
C THR A 496 -43.15 -0.60 4.20
N ALA A 497 -44.21 -0.26 4.94
CA ALA A 497 -44.82 -1.18 5.91
C ALA A 497 -43.82 -1.64 6.96
N ASN A 498 -42.93 -0.75 7.38
CA ASN A 498 -42.14 -1.00 8.57
C ASN A 498 -42.88 -0.39 9.77
N ARG A 499 -42.20 -0.26 10.89
CA ARG A 499 -42.88 0.37 12.02
C ARG A 499 -42.96 1.87 11.79
N PRO A 500 -44.13 2.48 11.93
CA PRO A 500 -44.26 3.92 11.66
C PRO A 500 -43.33 4.71 12.58
N GLU A 501 -42.59 5.64 11.98
CA GLU A 501 -41.64 6.41 12.77
C GLU A 501 -42.32 7.15 13.91
N ASP A 502 -43.59 7.53 13.75
CA ASP A 502 -44.26 8.26 14.82
C ASP A 502 -44.38 7.43 16.08
N GLU A 503 -44.54 6.10 15.95
CA GLU A 503 -44.51 5.25 17.13
C GLU A 503 -43.10 5.09 17.68
N CYS A 504 -42.11 4.97 16.79
CA CYS A 504 -40.72 4.89 17.22
C CYS A 504 -40.36 6.09 18.10
N VAL A 505 -40.59 7.30 17.57
CA VAL A 505 -40.43 8.52 18.36
C VAL A 505 -41.24 8.45 19.63
N GLY A 506 -42.52 8.07 19.52
CA GLY A 506 -43.43 8.10 20.65
C GLY A 506 -43.02 7.18 21.79
N GLU A 507 -42.40 6.04 21.48
CA GLU A 507 -41.93 5.12 22.50
C GLU A 507 -40.50 5.44 22.96
N GLY A 508 -39.93 6.52 22.44
CA GLY A 508 -38.60 6.92 22.87
C GLY A 508 -37.48 6.16 22.21
N LEU A 509 -37.72 5.56 21.05
CA LEU A 509 -36.69 4.82 20.31
C LEU A 509 -36.08 5.77 19.28
N ALA A 510 -35.26 6.70 19.78
CA ALA A 510 -34.50 7.63 18.97
C ALA A 510 -33.01 7.37 19.16
N CYS A 511 -32.19 8.12 18.45
CA CYS A 511 -30.75 7.95 18.59
C CYS A 511 -30.29 8.43 19.97
N HIS A 512 -29.15 7.89 20.39
CA HIS A 512 -28.54 8.30 21.65
C HIS A 512 -28.11 9.77 21.59
N GLN A 513 -28.14 10.43 22.74
CA GLN A 513 -27.72 11.83 22.82
C GLN A 513 -26.36 12.05 22.18
N LEU A 514 -25.47 11.07 22.30
CA LEU A 514 -24.09 11.23 21.85
C LEU A 514 -23.89 10.96 20.37
N CYS A 515 -24.86 10.32 19.70
CA CYS A 515 -24.74 10.08 18.27
C CYS A 515 -24.75 11.40 17.51
N ALA A 516 -23.65 11.69 16.81
CA ALA A 516 -23.54 12.94 16.07
C ALA A 516 -24.58 13.02 14.97
N ARG A 517 -25.11 14.22 14.76
CA ARG A 517 -26.06 14.53 13.69
C ARG A 517 -27.32 13.65 13.76
N GLY A 518 -27.54 12.98 14.90
CA GLY A 518 -28.71 12.14 15.06
C GLY A 518 -28.75 10.93 14.15
N HIS A 519 -27.59 10.37 13.80
CA HIS A 519 -27.49 9.22 12.91
C HIS A 519 -27.08 7.99 13.70
N CYS A 520 -27.85 6.92 13.58
CA CYS A 520 -27.55 5.69 14.33
C CYS A 520 -28.24 4.51 13.68
N TRP A 521 -27.74 3.32 14.00
CA TRP A 521 -28.25 2.05 13.47
C TRP A 521 -29.13 1.31 14.47
N GLY A 522 -29.36 1.86 15.64
CA GLY A 522 -30.13 1.21 16.67
C GLY A 522 -30.09 1.99 17.97
N PRO A 523 -30.70 1.45 19.02
CA PRO A 523 -30.75 2.20 20.29
C PRO A 523 -29.44 2.09 21.05
N GLY A 524 -29.15 3.13 21.82
CA GLY A 524 -28.05 3.11 22.75
C GLY A 524 -26.77 3.68 22.19
N PRO A 525 -25.72 3.68 23.02
CA PRO A 525 -24.47 4.36 22.67
C PRO A 525 -23.43 3.51 21.93
N THR A 526 -23.77 2.33 21.44
CA THR A 526 -22.88 1.56 20.60
C THR A 526 -23.38 1.49 19.15
N GLN A 527 -24.32 2.35 18.78
CA GLN A 527 -24.97 2.28 17.47
C GLN A 527 -24.85 3.58 16.68
N CYS A 528 -24.11 4.56 17.17
CA CYS A 528 -23.92 5.79 16.41
C CYS A 528 -23.06 5.52 15.17
N VAL A 529 -23.35 6.23 14.08
CA VAL A 529 -22.43 6.16 12.94
C VAL A 529 -21.18 6.99 13.24
N ASN A 530 -21.34 8.14 13.89
CA ASN A 530 -20.23 8.96 14.35
C ASN A 530 -20.46 9.35 15.80
N CYS A 531 -19.36 9.65 16.47
CA CYS A 531 -19.33 9.86 17.92
C CYS A 531 -19.01 11.32 18.19
N SER A 532 -19.89 12.00 18.91
CA SER A 532 -19.70 13.44 19.13
C SER A 532 -18.64 13.73 20.17
N GLN A 533 -18.44 12.83 21.14
CA GLN A 533 -17.37 13.04 22.12
C GLN A 533 -16.30 11.96 21.97
N PHE A 534 -16.27 10.97 22.87
CA PHE A 534 -15.17 10.02 22.87
C PHE A 534 -15.68 8.59 22.72
N LEU A 535 -14.76 7.69 22.36
CA LEU A 535 -15.07 6.28 22.17
C LEU A 535 -14.25 5.45 23.14
N ARG A 536 -14.93 4.64 23.94
CA ARG A 536 -14.29 3.59 24.73
C ARG A 536 -14.77 2.26 24.16
N GLY A 537 -13.84 1.47 23.63
CA GLY A 537 -14.20 0.34 22.81
C GLY A 537 -15.02 0.79 21.63
N GLN A 538 -16.31 0.44 21.63
CA GLN A 538 -17.27 0.90 20.63
C GLN A 538 -18.45 1.62 21.26
N GLU A 539 -18.37 1.95 22.55
CA GLU A 539 -19.39 2.74 23.22
C GLU A 539 -19.00 4.21 23.20
N CYS A 540 -19.95 5.08 22.87
CA CYS A 540 -19.72 6.51 22.92
C CYS A 540 -19.89 7.00 24.36
N VAL A 541 -18.92 7.76 24.83
CA VAL A 541 -18.87 8.29 26.19
C VAL A 541 -18.56 9.77 26.13
N GLU A 542 -18.91 10.47 27.21
CA GLU A 542 -18.75 11.92 27.27
C GLU A 542 -17.31 12.31 27.54
N GLU A 543 -16.63 11.59 28.43
CA GLU A 543 -15.21 11.86 28.69
C GLU A 543 -14.53 10.57 29.09
N CYS A 544 -13.21 10.55 28.89
CA CYS A 544 -12.38 9.44 29.34
C CYS A 544 -11.88 9.69 30.76
N ARG A 545 -11.40 8.62 31.39
CA ARG A 545 -10.91 8.69 32.77
C ARG A 545 -9.47 9.20 32.75
N VAL A 546 -9.32 10.47 32.37
CA VAL A 546 -8.01 11.09 32.40
C VAL A 546 -7.70 11.62 33.79
N LEU A 547 -8.67 12.26 34.43
CA LEU A 547 -8.50 12.86 35.75
C LEU A 547 -9.26 12.14 36.85
N GLN A 548 -10.47 11.66 36.57
CA GLN A 548 -11.29 10.96 37.56
C GLN A 548 -11.70 9.61 36.99
N GLY A 549 -11.54 8.56 37.79
CA GLY A 549 -12.00 7.24 37.39
C GLY A 549 -10.93 6.18 37.36
N LEU A 550 -11.35 4.91 37.41
CA LEU A 550 -10.43 3.79 37.36
C LEU A 550 -10.97 2.66 36.48
N PRO A 551 -10.12 2.08 35.62
CA PRO A 551 -8.71 2.44 35.43
C PRO A 551 -8.54 3.77 34.69
N ARG A 552 -7.57 4.59 35.11
CA ARG A 552 -7.31 5.84 34.43
C ARG A 552 -6.90 5.57 32.99
N GLU A 553 -7.13 6.56 32.13
CA GLU A 553 -6.96 6.41 30.71
C GLU A 553 -6.19 7.59 30.13
N TYR A 554 -5.73 7.40 28.90
CA TYR A 554 -5.26 8.48 28.04
C TYR A 554 -6.12 8.48 26.79
N VAL A 555 -6.01 9.53 25.99
CA VAL A 555 -6.80 9.69 24.78
C VAL A 555 -5.87 9.64 23.58
N ASN A 556 -6.27 8.89 22.56
CA ASN A 556 -5.58 8.93 21.27
C ASN A 556 -6.64 8.88 20.17
N ALA A 557 -6.65 9.91 19.33
CA ALA A 557 -7.60 10.03 18.22
C ALA A 557 -9.02 9.77 18.71
N ARG A 558 -9.41 10.50 19.76
CA ARG A 558 -10.76 10.44 20.34
C ARG A 558 -11.10 9.06 20.89
N HIS A 559 -10.09 8.26 21.22
CA HIS A 559 -10.30 6.95 21.82
C HIS A 559 -9.78 6.94 23.25
N CYS A 560 -10.62 6.47 24.17
CA CYS A 560 -10.22 6.21 25.55
C CYS A 560 -9.41 4.92 25.57
N LEU A 561 -8.18 4.99 26.06
CA LEU A 561 -7.32 3.81 26.11
C LEU A 561 -6.67 3.69 27.48
N PRO A 562 -6.48 2.47 27.97
CA PRO A 562 -6.10 2.29 29.38
C PRO A 562 -4.62 2.54 29.61
N CYS A 563 -4.32 3.27 30.69
CA CYS A 563 -2.95 3.35 31.16
C CYS A 563 -2.45 1.97 31.57
N HIS A 564 -1.13 1.81 31.55
CA HIS A 564 -0.55 0.57 32.06
C HIS A 564 -0.90 0.44 33.55
N PRO A 565 -1.21 -0.78 34.02
CA PRO A 565 -1.65 -0.93 35.43
C PRO A 565 -0.60 -0.56 36.46
N GLU A 566 0.65 -0.39 36.07
CA GLU A 566 1.70 -0.02 37.01
C GLU A 566 1.82 1.49 37.20
N CYS A 567 1.06 2.29 36.45
CA CYS A 567 1.04 3.72 36.68
C CYS A 567 0.25 4.04 37.95
N GLN A 568 0.84 4.81 38.83
CA GLN A 568 0.13 5.30 40.00
C GLN A 568 -0.89 6.36 39.57
N PRO A 569 -2.18 6.17 39.86
CA PRO A 569 -3.16 7.20 39.52
C PRO A 569 -2.86 8.51 40.24
N GLN A 570 -3.12 9.62 39.55
CA GLN A 570 -2.77 10.94 40.03
C GLN A 570 -4.02 11.74 40.36
N ASN A 571 -3.98 12.45 41.49
CA ASN A 571 -5.04 13.36 41.88
C ASN A 571 -4.67 14.77 41.42
N GLY A 572 -5.48 15.32 40.52
CA GLY A 572 -5.26 16.65 40.00
C GLY A 572 -4.41 16.73 38.76
N SER A 573 -4.16 15.62 38.08
CA SER A 573 -3.28 15.61 36.92
C SER A 573 -3.54 14.35 36.11
N VAL A 574 -2.95 14.30 34.91
CA VAL A 574 -3.05 13.09 34.10
C VAL A 574 -2.17 12.00 34.71
N THR A 575 -2.49 10.76 34.36
CA THR A 575 -1.81 9.60 34.94
C THR A 575 -0.78 8.99 34.01
N CYS A 576 -1.02 8.99 32.70
CA CYS A 576 -0.06 8.45 31.74
C CYS A 576 -0.20 9.20 30.42
N PHE A 577 0.81 9.02 29.57
CA PHE A 577 0.84 9.63 28.25
C PHE A 577 0.69 8.61 27.13
N GLY A 578 0.56 7.33 27.47
CA GLY A 578 0.43 6.27 26.50
C GLY A 578 0.17 4.94 27.17
N PRO A 579 0.20 3.85 26.38
CA PRO A 579 -0.14 2.54 26.94
C PRO A 579 0.98 1.85 27.70
N GLU A 580 2.24 2.22 27.48
CA GLU A 580 3.34 1.42 27.98
C GLU A 580 3.76 1.82 29.38
N ALA A 581 4.51 0.92 30.03
CA ALA A 581 4.93 1.09 31.42
C ALA A 581 5.98 2.17 31.61
N ASP A 582 6.56 2.71 30.53
CA ASP A 582 7.50 3.81 30.62
C ASP A 582 6.85 5.16 30.35
N GLN A 583 5.52 5.19 30.21
CA GLN A 583 4.79 6.42 29.98
C GLN A 583 3.92 6.79 31.18
N CYS A 584 4.26 6.30 32.36
CA CYS A 584 3.56 6.69 33.57
C CYS A 584 4.10 8.01 34.09
N VAL A 585 3.22 8.80 34.69
CA VAL A 585 3.68 9.98 35.43
C VAL A 585 4.50 9.55 36.63
N ALA A 586 4.06 8.50 37.32
CA ALA A 586 4.80 7.93 38.43
C ALA A 586 4.39 6.47 38.57
N CYS A 587 5.29 5.67 39.13
CA CYS A 587 5.07 4.23 39.24
C CYS A 587 4.33 3.89 40.53
N ALA A 588 3.51 2.83 40.45
CA ALA A 588 2.71 2.42 41.60
C ALA A 588 3.51 1.56 42.57
N HIS A 589 4.52 0.84 42.09
CA HIS A 589 5.31 -0.01 42.97
C HIS A 589 6.80 0.23 42.78
N TYR A 590 7.44 -0.48 41.87
CA TYR A 590 8.88 -0.28 41.66
C TYR A 590 9.12 0.19 40.23
N LYS A 591 10.33 0.65 39.98
CA LYS A 591 10.76 1.07 38.65
C LYS A 591 12.02 0.31 38.27
N ASP A 592 11.94 -0.44 37.19
CA ASP A 592 13.07 -1.02 36.49
C ASP A 592 13.32 -0.16 35.26
N PRO A 593 14.01 0.99 35.40
CA PRO A 593 14.12 2.04 34.39
C PRO A 593 14.37 1.49 32.99
N PRO A 594 13.57 1.92 31.99
CA PRO A 594 12.55 2.98 32.05
C PRO A 594 11.15 2.57 32.51
N PHE A 595 10.95 1.35 33.00
CA PHE A 595 9.62 0.76 33.08
C PHE A 595 9.11 0.67 34.51
N CYS A 596 7.85 1.09 34.72
CA CYS A 596 7.16 0.79 35.97
C CYS A 596 6.89 -0.71 36.05
N VAL A 597 7.32 -1.35 37.13
CA VAL A 597 7.18 -2.78 37.30
C VAL A 597 6.58 -3.09 38.66
N ALA A 598 5.89 -4.24 38.72
CA ALA A 598 5.32 -4.72 39.98
C ALA A 598 6.40 -5.21 40.93
N ARG A 599 7.31 -6.07 40.44
CA ARG A 599 8.47 -6.49 41.21
C ARG A 599 9.74 -6.31 40.38
N CYS A 600 10.85 -6.16 41.09
CA CYS A 600 12.14 -6.38 40.46
C CYS A 600 12.25 -7.84 40.05
N PRO A 601 12.66 -8.12 38.82
CA PRO A 601 12.66 -9.49 38.31
C PRO A 601 13.69 -10.35 39.00
N SER A 602 13.35 -11.62 39.22
CA SER A 602 14.15 -12.49 40.07
C SER A 602 14.21 -13.93 39.55
N TYR A 610 19.24 -12.18 28.39
CA TYR A 610 19.77 -13.53 28.16
C TYR A 610 20.63 -13.88 29.33
N MET A 611 21.51 -12.94 29.67
CA MET A 611 22.14 -12.93 30.97
C MET A 611 21.07 -13.23 32.01
N PRO A 612 21.28 -14.21 32.87
CA PRO A 612 20.31 -14.46 33.95
C PRO A 612 20.31 -13.26 34.90
N ILE A 613 19.13 -12.72 35.14
CA ILE A 613 18.99 -11.43 35.82
C ILE A 613 18.46 -11.66 37.23
N TRP A 614 19.09 -10.99 38.19
CA TRP A 614 18.68 -11.01 39.59
C TRP A 614 18.79 -9.58 40.10
N LYS A 615 17.66 -8.98 40.47
CA LYS A 615 17.62 -7.57 40.82
C LYS A 615 16.88 -7.38 42.14
N PHE A 616 17.19 -6.28 42.80
CA PHE A 616 16.66 -5.96 44.11
C PHE A 616 16.30 -4.46 44.15
N PRO A 617 15.37 -4.08 45.05
CA PRO A 617 14.91 -2.69 45.03
C PRO A 617 15.76 -1.72 45.83
N ASP A 618 16.23 -0.65 45.16
CA ASP A 618 16.82 0.53 45.78
C ASP A 618 15.82 1.13 46.77
N GLU A 619 16.33 1.90 47.73
CA GLU A 619 15.47 2.55 48.71
C GLU A 619 14.56 3.60 48.09
N GLU A 620 14.87 4.09 46.89
CA GLU A 620 13.99 5.02 46.20
C GLU A 620 13.02 4.32 45.26
N GLY A 621 13.06 2.99 45.20
CA GLY A 621 12.14 2.21 44.41
C GLY A 621 12.71 1.62 43.14
N ALA A 622 13.95 1.94 42.80
CA ALA A 622 14.55 1.49 41.54
C ALA A 622 15.18 0.11 41.70
N CYS A 623 15.17 -0.65 40.60
CA CYS A 623 15.72 -2.00 40.60
C CYS A 623 17.19 -1.96 40.18
N GLN A 624 18.06 -2.48 41.04
CA GLN A 624 19.47 -2.64 40.76
C GLN A 624 19.82 -4.10 40.55
N PRO A 625 20.87 -4.40 39.80
CA PRO A 625 21.31 -5.79 39.66
C PRO A 625 22.01 -6.29 40.91
N CYS A 626 22.00 -7.62 41.07
CA CYS A 626 22.70 -8.18 42.22
C CYS A 626 24.17 -8.39 41.90
N PRO A 627 25.06 -8.22 42.89
CA PRO A 627 26.49 -8.34 42.63
C PRO A 627 27.09 -9.65 43.13
N ILE A 628 26.67 -10.78 42.57
CA ILE A 628 27.17 -12.07 43.03
C ILE A 628 27.60 -12.97 41.88
N ASN A 629 27.15 -12.65 40.66
CA ASN A 629 27.45 -13.46 39.48
C ASN A 629 27.12 -14.93 39.77
N ASP B 1 12.58 14.56 28.42
CA ASP B 1 13.76 14.29 27.60
C ASP B 1 15.04 14.66 28.35
N ILE B 2 15.89 13.66 28.57
CA ILE B 2 17.11 13.80 29.35
C ILE B 2 18.30 13.81 28.41
N GLN B 3 19.19 14.78 28.58
CA GLN B 3 20.39 14.89 27.77
C GLN B 3 21.59 14.34 28.52
N MET B 4 22.53 13.79 27.75
CA MET B 4 23.82 13.30 28.25
C MET B 4 24.91 14.12 27.57
N THR B 5 25.62 14.92 28.35
CA THR B 5 26.70 15.76 27.81
C THR B 5 28.04 15.11 28.16
N GLN B 6 28.81 14.78 27.13
CA GLN B 6 30.05 14.02 27.27
C GLN B 6 31.25 14.95 27.16
N SER B 7 32.28 14.67 27.94
CA SER B 7 33.51 15.44 27.91
C SER B 7 34.67 14.58 28.35
N PRO B 8 35.83 14.72 27.67
CA PRO B 8 36.03 15.64 26.55
C PRO B 8 35.55 15.03 25.23
N SER B 9 35.47 15.83 24.16
CA SER B 9 35.06 15.28 22.87
C SER B 9 36.18 14.51 22.19
N SER B 10 37.43 14.70 22.63
CA SER B 10 38.55 13.92 22.14
C SER B 10 39.72 14.08 23.08
N LEU B 11 40.51 13.02 23.23
CA LEU B 11 41.69 13.02 24.08
C LEU B 11 42.77 12.16 23.46
N SER B 12 44.01 12.42 23.84
CA SER B 12 45.17 11.68 23.35
C SER B 12 46.00 11.23 24.55
N ALA B 13 46.04 9.92 24.79
CA ALA B 13 46.78 9.36 25.90
C ALA B 13 47.70 8.25 25.38
N SER B 14 48.76 7.98 26.15
CA SER B 14 49.77 7.01 25.74
C SER B 14 49.39 5.60 26.20
N VAL B 15 50.10 4.62 25.65
CA VAL B 15 49.85 3.22 25.99
C VAL B 15 50.17 2.98 27.45
N GLY B 16 49.29 2.23 28.13
CA GLY B 16 49.45 1.96 29.54
C GLY B 16 48.93 3.03 30.47
N ASP B 17 48.44 4.15 29.94
CA ASP B 17 48.00 5.25 30.77
C ASP B 17 46.53 5.07 31.18
N ARG B 18 46.15 5.78 32.25
CA ARG B 18 44.81 5.70 32.81
C ARG B 18 43.97 6.81 32.22
N VAL B 19 42.88 6.45 31.54
CA VAL B 19 42.06 7.39 30.78
C VAL B 19 40.68 7.47 31.41
N THR B 20 40.22 8.70 31.65
CA THR B 20 38.92 8.97 32.27
C THR B 20 38.04 9.73 31.28
N ILE B 21 36.87 9.19 31.00
CA ILE B 21 35.85 9.83 30.16
C ILE B 21 34.65 10.14 31.05
N THR B 22 34.14 11.37 30.93
CA THR B 22 33.08 11.85 31.81
C THR B 22 31.82 12.15 31.02
N CYS B 23 30.67 11.87 31.62
CA CYS B 23 29.37 12.06 30.95
C CYS B 23 28.35 12.44 32.02
N ARG B 24 27.75 13.62 31.87
CA ARG B 24 26.85 14.17 32.88
C ARG B 24 25.42 14.20 32.37
N ALA B 25 24.49 13.70 33.19
CA ALA B 25 23.07 13.71 32.87
C ALA B 25 22.43 15.02 33.32
N SER B 26 21.39 15.42 32.59
CA SER B 26 20.68 16.66 32.89
C SER B 26 19.72 16.52 34.07
N GLN B 27 19.37 15.30 34.45
CA GLN B 27 18.53 15.06 35.62
C GLN B 27 19.03 13.80 36.32
N ASP B 28 18.30 13.41 37.35
CA ASP B 28 18.49 12.08 37.93
C ASP B 28 18.17 11.02 36.90
N VAL B 29 19.16 10.19 36.59
CA VAL B 29 18.95 9.01 35.76
C VAL B 29 19.23 7.73 36.53
N ASN B 30 19.46 7.83 37.83
CA ASN B 30 19.69 6.70 38.73
C ASN B 30 20.94 5.96 38.21
N THR B 31 20.88 4.66 37.97
CA THR B 31 22.01 3.91 37.44
C THR B 31 21.77 3.43 36.01
N ALA B 32 20.64 3.78 35.41
CA ALA B 32 20.33 3.39 34.05
C ALA B 32 21.27 4.07 33.06
N VAL B 33 22.53 3.65 33.06
CA VAL B 33 23.54 4.21 32.16
C VAL B 33 24.35 3.05 31.57
N ALA B 34 24.61 3.14 30.26
CA ALA B 34 25.45 2.16 29.58
C ALA B 34 26.56 2.90 28.84
N TRP B 35 27.70 2.23 28.71
CA TRP B 35 28.84 2.71 27.94
C TRP B 35 29.09 1.74 26.80
N TYR B 36 29.17 2.29 25.59
CA TYR B 36 29.44 1.57 24.36
C TYR B 36 30.76 2.00 23.75
N GLN B 37 31.38 1.07 23.02
CA GLN B 37 32.60 1.30 22.26
C GLN B 37 32.29 1.10 20.78
N GLN B 38 32.77 2.01 19.94
CA GLN B 38 32.57 1.90 18.51
C GLN B 38 33.88 2.19 17.79
N LYS B 39 34.35 1.26 17.02
CA LYS B 39 35.46 1.41 16.12
C LYS B 39 34.95 1.77 14.72
N PRO B 40 35.75 2.51 13.95
CA PRO B 40 35.24 3.13 12.72
C PRO B 40 34.58 2.14 11.76
N GLY B 41 33.42 2.53 11.24
CA GLY B 41 32.68 1.69 10.32
C GLY B 41 32.20 0.38 10.90
N LYS B 42 32.07 0.30 12.23
CA LYS B 42 31.67 -0.92 12.90
C LYS B 42 30.48 -0.62 13.81
N ALA B 43 29.73 -1.68 14.12
CA ALA B 43 28.63 -1.54 15.06
C ALA B 43 29.17 -1.24 16.45
N PRO B 44 28.50 -0.40 17.23
CA PRO B 44 28.91 -0.19 18.62
C PRO B 44 28.83 -1.50 19.40
N LYS B 45 29.62 -1.56 20.48
CA LYS B 45 29.67 -2.75 21.31
C LYS B 45 29.48 -2.37 22.77
N LEU B 46 28.67 -3.15 23.46
CA LEU B 46 28.37 -2.90 24.86
C LEU B 46 29.59 -3.16 25.74
N LEU B 47 29.97 -2.16 26.54
CA LEU B 47 31.03 -2.31 27.52
C LEU B 47 30.51 -2.34 28.95
N ILE B 48 29.66 -1.40 29.34
CA ILE B 48 29.20 -1.35 30.73
C ILE B 48 27.70 -1.08 30.78
N TYR B 49 26.99 -1.86 31.57
CA TYR B 49 25.57 -1.70 31.80
C TYR B 49 25.32 -1.37 33.27
N SER B 50 24.20 -0.70 33.53
CA SER B 50 23.81 -0.33 34.90
C SER B 50 24.94 0.40 35.62
N ALA B 51 25.57 1.34 34.91
CA ALA B 51 26.50 2.32 35.45
C ALA B 51 27.88 1.77 35.77
N ASP B 52 27.96 0.68 36.53
CA ASP B 52 29.26 0.19 37.00
C ASP B 52 29.46 -1.31 36.83
N PHE B 53 28.56 -2.00 36.13
CA PHE B 53 28.72 -3.43 35.87
C PHE B 53 29.43 -3.65 34.55
N LEU B 54 30.46 -4.48 34.57
CA LEU B 54 31.18 -4.81 33.35
C LEU B 54 30.44 -5.90 32.58
N TYR B 55 30.16 -5.62 31.31
CA TYR B 55 29.49 -6.60 30.46
C TYR B 55 30.43 -7.76 30.17
N SER B 56 29.84 -8.95 30.03
CA SER B 56 30.63 -10.17 29.89
C SER B 56 31.46 -10.16 28.61
N GLY B 57 32.71 -10.61 28.71
CA GLY B 57 33.60 -10.68 27.58
C GLY B 57 34.49 -9.46 27.39
N VAL B 58 34.25 -8.39 28.12
CA VAL B 58 34.99 -7.13 27.97
C VAL B 58 36.18 -7.13 28.91
N PRO B 59 37.36 -6.69 28.46
CA PRO B 59 38.53 -6.69 29.35
C PRO B 59 38.28 -5.92 30.65
N SER B 60 38.91 -6.40 31.71
CA SER B 60 38.70 -5.83 33.04
C SER B 60 39.36 -4.46 33.21
N ARG B 61 40.17 -4.02 32.26
CA ARG B 61 40.71 -2.67 32.35
C ARG B 61 39.66 -1.60 32.10
N PHE B 62 38.43 -2.00 31.76
CA PHE B 62 37.31 -1.08 31.61
C PHE B 62 36.46 -1.12 32.87
N SER B 63 36.35 0.02 33.55
CA SER B 63 35.46 0.17 34.67
C SER B 63 34.50 1.32 34.43
N GLY B 64 33.40 1.30 35.15
CA GLY B 64 32.48 2.42 35.18
C GLY B 64 32.16 2.76 36.62
N SER B 65 32.01 4.06 36.88
CA SER B 65 31.64 4.53 38.20
C SER B 65 30.60 5.62 38.07
N ARG B 66 29.92 5.91 39.17
CA ARG B 66 28.86 6.90 39.20
C ARG B 66 28.98 7.74 40.47
N SER B 67 28.69 9.03 40.32
CA SER B 67 28.70 10.01 41.41
C SER B 67 27.56 11.00 41.13
N GLY B 68 26.40 10.69 41.67
CA GLY B 68 25.23 11.54 41.45
C GLY B 68 24.80 11.49 40.00
N THR B 69 24.83 12.64 39.33
CA THR B 69 24.53 12.73 37.91
C THR B 69 25.78 12.60 37.04
N ASP B 70 26.93 12.29 37.63
CA ASP B 70 28.19 12.20 36.90
C ASP B 70 28.55 10.73 36.70
N PHE B 71 28.80 10.36 35.45
CA PHE B 71 29.14 8.98 35.13
C PHE B 71 30.51 8.94 34.46
N THR B 72 31.37 8.05 34.94
CA THR B 72 32.78 8.03 34.54
C THR B 72 33.14 6.66 34.01
N LEU B 73 33.56 6.61 32.74
CA LEU B 73 34.20 5.43 32.18
C LEU B 73 35.70 5.56 32.37
N THR B 74 36.34 4.50 32.88
CA THR B 74 37.78 4.49 33.06
C THR B 74 38.39 3.32 32.31
N ILE B 75 39.48 3.59 31.61
CA ILE B 75 40.34 2.56 31.02
C ILE B 75 41.65 2.61 31.80
N SER B 76 41.92 1.57 32.58
CA SER B 76 43.03 1.62 33.53
C SER B 76 44.39 1.37 32.91
N SER B 77 44.45 0.74 31.74
CA SER B 77 45.73 0.47 31.07
C SER B 77 45.47 0.54 29.56
N LEU B 78 45.53 1.75 29.02
CA LEU B 78 45.19 2.00 27.64
C LEU B 78 46.04 1.15 26.71
N GLN B 79 45.39 0.37 25.86
CA GLN B 79 46.04 -0.45 24.86
C GLN B 79 45.75 0.09 23.46
N PRO B 80 46.63 -0.17 22.49
CA PRO B 80 46.38 0.33 21.12
C PRO B 80 45.03 -0.06 20.55
N GLU B 81 44.54 -1.26 20.84
CA GLU B 81 43.24 -1.68 20.33
C GLU B 81 42.09 -0.86 20.90
N ASP B 82 42.34 -0.02 21.89
CA ASP B 82 41.30 0.80 22.50
C ASP B 82 41.03 2.10 21.76
N PHE B 83 41.72 2.33 20.64
CA PHE B 83 41.34 3.42 19.74
C PHE B 83 39.90 3.23 19.30
N ALA B 84 39.04 4.19 19.62
CA ALA B 84 37.63 4.09 19.31
C ALA B 84 36.96 5.40 19.71
N THR B 85 35.67 5.50 19.40
CA THR B 85 34.80 6.51 19.98
C THR B 85 33.91 5.83 21.02
N TYR B 86 33.84 6.43 22.20
CA TYR B 86 33.10 5.88 23.31
C TYR B 86 31.86 6.72 23.57
N TYR B 87 30.72 6.05 23.78
CA TYR B 87 29.45 6.73 23.95
C TYR B 87 28.79 6.31 25.26
N CYS B 88 28.23 7.29 25.97
CA CYS B 88 27.38 7.00 27.11
C CYS B 88 25.92 7.06 26.70
N GLN B 89 25.06 6.41 27.48
CA GLN B 89 23.66 6.32 27.15
C GLN B 89 22.84 6.25 28.42
N GLN B 90 21.72 6.97 28.44
CA GLN B 90 20.71 6.84 29.49
C GLN B 90 19.53 6.05 28.94
N HIS B 91 18.99 5.16 29.76
CA HIS B 91 17.72 4.50 29.48
C HIS B 91 16.80 4.59 30.70
N TYR B 92 16.95 5.68 31.47
CA TYR B 92 16.03 5.92 32.58
C TYR B 92 14.66 6.34 32.09
N THR B 93 14.62 7.14 31.02
CA THR B 93 13.37 7.52 30.38
C THR B 93 13.38 7.10 28.92
N THR B 94 12.18 7.04 28.34
CA THR B 94 12.02 6.87 26.91
C THR B 94 11.69 8.24 26.33
N PRO B 95 12.46 8.68 25.31
CA PRO B 95 13.50 7.95 24.57
C PRO B 95 14.88 7.79 25.22
N PRO B 96 15.55 6.69 24.94
CA PRO B 96 16.97 6.59 25.30
C PRO B 96 17.77 7.62 24.52
N THR B 97 18.78 8.22 25.17
CA THR B 97 19.59 9.24 24.54
C THR B 97 21.06 8.95 24.75
N PHE B 98 21.81 9.09 23.66
CA PHE B 98 23.26 8.91 23.62
C PHE B 98 23.99 10.20 23.94
N GLY B 99 25.22 10.07 24.43
CA GLY B 99 26.12 11.20 24.49
C GLY B 99 26.73 11.49 23.13
N GLN B 100 27.42 12.63 23.06
CA GLN B 100 28.04 13.03 21.80
C GLN B 100 29.28 12.22 21.45
N GLY B 101 29.82 11.45 22.40
CA GLY B 101 30.95 10.59 22.11
C GLY B 101 32.28 11.24 22.43
N THR B 102 33.27 10.39 22.71
CA THR B 102 34.64 10.83 22.96
C THR B 102 35.57 10.00 22.09
N LYS B 103 36.33 10.68 21.22
CA LYS B 103 37.31 10.01 20.39
C LYS B 103 38.60 9.84 21.19
N VAL B 104 39.08 8.60 21.29
CA VAL B 104 40.34 8.30 21.98
C VAL B 104 41.37 7.93 20.93
N GLU B 105 42.45 8.71 20.86
CA GLU B 105 43.59 8.42 20.01
C GLU B 105 44.81 8.11 20.87
N ILE B 106 45.57 7.10 20.47
CA ILE B 106 46.75 6.66 21.20
C ILE B 106 47.93 7.50 20.74
N LYS B 107 48.68 8.04 21.70
CA LYS B 107 49.89 8.80 21.41
C LYS B 107 51.11 7.92 21.65
N ARG B 108 51.95 7.78 20.64
CA ARG B 108 53.07 6.84 20.66
C ARG B 108 54.34 7.55 20.22
N THR B 109 55.43 6.77 20.15
CA THR B 109 56.70 7.29 19.69
C THR B 109 56.59 7.78 18.25
N VAL B 110 57.43 8.77 17.92
CA VAL B 110 57.48 9.28 16.57
C VAL B 110 57.90 8.16 15.61
N ALA B 111 57.30 8.16 14.42
CA ALA B 111 57.61 7.17 13.40
C ALA B 111 57.71 7.86 12.06
N ALA B 112 58.80 7.60 11.34
CA ALA B 112 59.00 8.23 10.04
C ALA B 112 58.18 7.52 8.97
N PRO B 113 57.50 8.26 8.10
CA PRO B 113 56.73 7.63 7.04
C PRO B 113 57.62 7.06 5.95
N SER B 114 57.14 6.00 5.31
CA SER B 114 57.75 5.49 4.09
C SER B 114 57.03 6.11 2.90
N VAL B 115 57.76 6.84 2.06
CA VAL B 115 57.17 7.57 0.95
C VAL B 115 57.23 6.71 -0.31
N PHE B 116 56.13 6.70 -1.05
CA PHE B 116 56.06 6.03 -2.34
C PHE B 116 55.26 6.90 -3.30
N ILE B 117 55.67 6.91 -4.57
CA ILE B 117 54.97 7.65 -5.61
C ILE B 117 54.67 6.71 -6.76
N PHE B 118 53.44 6.74 -7.26
CA PHE B 118 53.04 5.96 -8.42
C PHE B 118 52.55 6.88 -9.53
N PRO B 119 53.05 6.71 -10.76
CA PRO B 119 52.59 7.50 -11.89
C PRO B 119 51.27 6.97 -12.42
N PRO B 120 50.56 7.76 -13.22
CA PRO B 120 49.30 7.28 -13.79
C PRO B 120 49.52 6.07 -14.70
N SER B 121 48.53 5.19 -14.71
CA SER B 121 48.58 3.98 -15.51
C SER B 121 48.10 4.25 -16.93
N ASP B 122 48.76 3.61 -17.91
CA ASP B 122 48.41 3.75 -19.33
C ASP B 122 46.91 3.71 -19.55
N GLU B 123 46.26 2.67 -18.99
CA GLU B 123 44.83 2.49 -19.07
C GLU B 123 44.07 3.78 -18.78
N GLN B 124 44.44 4.48 -17.71
CA GLN B 124 43.74 5.71 -17.35
C GLN B 124 44.13 6.85 -18.26
N LEU B 125 45.41 6.93 -18.65
CA LEU B 125 45.85 8.05 -19.48
C LEU B 125 45.15 8.09 -20.82
N LYS B 126 44.76 6.94 -21.38
CA LYS B 126 44.02 7.04 -22.63
C LYS B 126 42.60 7.59 -22.43
N SER B 127 42.09 7.62 -21.20
CA SER B 127 40.76 8.14 -20.92
C SER B 127 40.75 9.65 -20.66
N GLY B 128 41.86 10.34 -20.89
CA GLY B 128 41.90 11.79 -20.82
C GLY B 128 42.22 12.37 -19.46
N THR B 129 42.28 11.56 -18.41
CA THR B 129 42.63 12.02 -17.08
C THR B 129 43.88 11.30 -16.61
N ALA B 130 44.67 12.00 -15.80
CA ALA B 130 45.88 11.46 -15.20
C ALA B 130 45.87 11.78 -13.71
N SER B 131 46.04 10.75 -12.88
CA SER B 131 46.11 10.92 -11.43
C SER B 131 47.44 10.38 -10.93
N VAL B 132 48.35 11.27 -10.52
CA VAL B 132 49.56 10.86 -9.82
C VAL B 132 49.19 10.59 -8.37
N VAL B 133 49.85 9.63 -7.73
CA VAL B 133 49.50 9.30 -6.35
C VAL B 133 50.76 9.25 -5.50
N CYS B 134 50.67 9.80 -4.30
CA CYS B 134 51.73 9.79 -3.30
C CYS B 134 51.19 9.14 -2.04
N LEU B 135 52.06 8.44 -1.32
CA LEU B 135 51.65 7.66 -0.17
C LEU B 135 52.72 7.76 0.92
N LEU B 136 52.30 8.21 2.10
CA LEU B 136 53.08 8.08 3.31
C LEU B 136 52.58 6.86 4.08
N ASN B 137 53.50 6.03 4.54
CA ASN B 137 53.13 4.76 5.16
C ASN B 137 53.67 4.69 6.59
N ASN B 138 52.76 4.45 7.54
CA ASN B 138 53.08 4.04 8.91
C ASN B 138 53.91 5.10 9.64
N PHE B 139 53.32 6.29 9.75
CA PHE B 139 53.96 7.41 10.43
C PHE B 139 53.14 7.86 11.63
N TYR B 140 53.84 8.37 12.63
CA TYR B 140 53.25 9.09 13.74
C TYR B 140 54.22 10.23 14.06
N PRO B 141 53.69 11.43 14.39
CA PRO B 141 52.27 11.77 14.57
C PRO B 141 51.44 12.08 13.34
N ARG B 142 50.20 12.45 13.63
CA ARG B 142 49.20 12.71 12.60
C ARG B 142 49.72 13.66 11.52
N GLU B 143 50.20 14.83 11.92
CA GLU B 143 50.27 15.97 11.01
C GLU B 143 51.54 15.91 10.16
N ALA B 144 51.35 15.86 8.85
CA ALA B 144 52.43 16.03 7.89
C ALA B 144 51.98 17.03 6.83
N LYS B 145 52.91 17.55 6.04
CA LYS B 145 52.54 18.46 4.95
C LYS B 145 53.14 17.94 3.65
N VAL B 146 52.29 17.53 2.71
CA VAL B 146 52.75 17.12 1.40
C VAL B 146 52.49 18.28 0.45
N GLN B 147 53.41 18.49 -0.48
CA GLN B 147 53.19 19.40 -1.59
C GLN B 147 53.78 18.79 -2.86
N TRP B 148 53.17 19.16 -3.97
CA TRP B 148 53.58 18.71 -5.28
C TRP B 148 54.31 19.82 -6.00
N LYS B 149 55.42 19.46 -6.62
CA LYS B 149 56.08 20.32 -7.58
C LYS B 149 56.30 19.52 -8.86
N VAL B 150 55.49 19.84 -9.86
CA VAL B 150 55.79 19.53 -11.26
C VAL B 150 56.89 20.50 -11.72
N ASP B 151 58.08 19.96 -11.98
CA ASP B 151 59.28 20.64 -12.50
C ASP B 151 59.78 21.76 -11.58
N ASN B 152 59.63 21.51 -10.27
CA ASN B 152 59.94 22.46 -9.21
C ASN B 152 59.02 23.67 -9.30
N ALA B 153 57.74 23.42 -9.59
CA ALA B 153 56.70 24.44 -9.67
C ALA B 153 55.59 24.05 -8.70
N LEU B 154 55.33 24.92 -7.73
CA LEU B 154 54.34 24.64 -6.71
C LEU B 154 52.94 24.56 -7.30
N GLN B 155 52.10 23.76 -6.69
CA GLN B 155 50.72 23.55 -7.13
C GLN B 155 49.76 23.95 -6.03
N SER B 156 48.53 24.28 -6.42
CA SER B 156 47.51 24.75 -5.50
C SER B 156 46.15 24.18 -5.89
N GLY B 157 45.47 23.55 -4.94
CA GLY B 157 44.11 23.14 -5.11
C GLY B 157 43.82 22.25 -6.30
N ASN B 158 44.84 21.52 -6.77
CA ASN B 158 44.66 20.46 -7.75
C ASN B 158 44.92 19.09 -7.15
N SER B 159 44.82 18.97 -5.83
CA SER B 159 45.31 17.81 -5.12
C SER B 159 44.46 17.58 -3.87
N GLN B 160 44.29 16.31 -3.51
CA GLN B 160 43.50 15.95 -2.34
C GLN B 160 44.26 14.91 -1.53
N GLU B 161 43.97 14.87 -0.22
CA GLU B 161 44.57 13.92 0.70
C GLU B 161 43.48 13.16 1.45
N SER B 162 43.77 11.88 1.70
CA SER B 162 42.93 11.00 2.50
C SER B 162 43.82 10.32 3.53
N VAL B 163 43.38 10.28 4.78
CA VAL B 163 44.16 9.73 5.89
C VAL B 163 43.41 8.57 6.49
N THR B 164 44.08 7.42 6.60
CA THR B 164 43.47 6.28 7.27
C THR B 164 43.28 6.57 8.75
N GLU B 165 42.37 5.82 9.37
CA GLU B 165 42.18 5.90 10.81
C GLU B 165 43.26 5.07 11.50
N GLN B 166 43.59 5.47 12.73
CA GLN B 166 44.76 4.96 13.42
C GLN B 166 44.77 3.44 13.47
N ASP B 167 45.92 2.84 13.14
CA ASP B 167 46.07 1.40 13.15
C ASP B 167 45.88 0.86 14.56
N SER B 168 45.20 -0.28 14.65
CA SER B 168 44.76 -0.79 15.95
C SER B 168 45.87 -1.48 16.73
N LYS B 169 47.02 -1.80 16.12
CA LYS B 169 48.06 -2.52 16.84
C LYS B 169 49.38 -1.78 16.95
N ASP B 170 49.74 -0.94 15.99
CA ASP B 170 50.96 -0.14 16.13
C ASP B 170 50.72 1.35 16.25
N SER B 171 49.47 1.81 16.06
CA SER B 171 49.06 3.19 16.35
C SER B 171 49.69 4.21 15.40
N THR B 172 49.87 3.86 14.13
CA THR B 172 50.35 4.82 13.15
C THR B 172 49.24 5.16 12.16
N TYR B 173 49.58 6.05 11.22
CA TYR B 173 48.68 6.49 10.17
C TYR B 173 49.30 6.21 8.80
N SER B 174 48.45 6.23 7.78
CA SER B 174 48.88 6.21 6.40
C SER B 174 48.09 7.26 5.63
N LEU B 175 48.76 7.91 4.67
CA LEU B 175 48.19 9.06 3.99
C LEU B 175 48.37 8.93 2.48
N SER B 176 47.36 9.38 1.74
CA SER B 176 47.37 9.37 0.29
C SER B 176 47.10 10.78 -0.22
N SER B 177 47.91 11.24 -1.17
CA SER B 177 47.70 12.51 -1.83
C SER B 177 47.73 12.29 -3.33
N THR B 178 46.62 12.58 -4.01
CA THR B 178 46.49 12.24 -5.41
C THR B 178 46.25 13.51 -6.24
N LEU B 179 47.16 13.79 -7.14
CA LEU B 179 47.03 14.97 -7.97
C LEU B 179 46.34 14.57 -9.28
N THR B 180 45.44 15.45 -9.73
CA THR B 180 44.58 15.18 -10.87
C THR B 180 44.85 16.26 -11.91
N LEU B 181 45.31 15.85 -13.09
CA LEU B 181 45.38 16.74 -14.24
C LEU B 181 44.72 16.01 -15.41
N SER B 182 44.45 16.75 -16.48
CA SER B 182 43.97 16.10 -17.68
C SER B 182 45.13 15.81 -18.61
N LYS B 183 44.91 14.86 -19.53
CA LYS B 183 45.87 14.41 -20.53
C LYS B 183 46.79 15.51 -21.00
N ALA B 184 46.20 16.62 -21.45
CA ALA B 184 46.98 17.73 -21.98
C ALA B 184 47.94 18.30 -20.94
N ASP B 185 47.39 18.75 -19.80
CA ASP B 185 48.24 19.36 -18.78
C ASP B 185 49.30 18.39 -18.28
N TYR B 186 49.04 17.09 -18.35
CA TYR B 186 50.00 16.09 -17.91
C TYR B 186 51.13 15.91 -18.92
N GLU B 187 50.82 15.99 -20.22
CA GLU B 187 51.86 15.82 -21.22
C GLU B 187 52.87 16.95 -21.23
N LYS B 188 52.52 18.11 -20.66
CA LYS B 188 53.37 19.28 -20.84
C LYS B 188 54.67 19.25 -20.05
N HIS B 189 54.84 18.34 -19.08
CA HIS B 189 56.11 18.36 -18.39
C HIS B 189 56.52 16.99 -17.87
N LYS B 190 57.78 16.93 -17.44
CA LYS B 190 58.59 15.72 -17.41
C LYS B 190 58.67 15.10 -16.02
N VAL B 191 59.12 15.86 -15.03
CA VAL B 191 59.42 15.32 -13.70
C VAL B 191 58.31 15.73 -12.73
N TYR B 192 57.80 14.74 -11.99
CA TYR B 192 56.71 14.94 -11.04
C TYR B 192 57.21 14.60 -9.64
N ALA B 193 57.15 15.58 -8.73
CA ALA B 193 57.70 15.45 -7.38
C ALA B 193 56.60 15.55 -6.32
N CYS B 194 56.49 14.52 -5.44
CA CYS B 194 55.63 14.56 -4.26
C CYS B 194 56.46 14.49 -2.97
N GLU B 195 56.37 15.55 -2.18
CA GLU B 195 57.35 15.78 -1.12
C GLU B 195 56.72 16.31 0.13
N VAL B 196 57.19 15.79 1.24
CA VAL B 196 56.44 15.95 2.48
C VAL B 196 57.41 16.22 3.63
N THR B 197 56.95 17.04 4.57
CA THR B 197 57.62 17.24 5.85
C THR B 197 56.84 16.50 6.93
N HIS B 198 57.58 15.86 7.82
CA HIS B 198 57.03 15.17 8.96
C HIS B 198 58.01 15.26 10.13
N GLN B 199 57.45 15.22 11.34
CA GLN B 199 58.19 15.33 12.58
C GLN B 199 59.23 14.24 12.78
N GLY B 200 59.24 13.21 11.93
CA GLY B 200 60.15 12.09 12.12
C GLY B 200 61.30 12.02 11.14
N LEU B 201 61.27 12.88 10.12
CA LEU B 201 62.35 13.02 9.16
C LEU B 201 63.01 14.37 9.40
N SER B 202 64.31 14.35 9.74
CA SER B 202 65.03 15.59 9.99
C SER B 202 64.99 16.50 8.75
N SER B 203 65.15 15.91 7.57
CA SER B 203 65.10 16.61 6.30
C SER B 203 63.81 16.27 5.56
N PRO B 204 63.13 17.27 4.96
CA PRO B 204 61.92 16.97 4.19
C PRO B 204 62.25 16.07 3.02
N VAL B 205 61.42 15.05 2.80
CA VAL B 205 61.80 13.91 1.97
C VAL B 205 61.23 14.08 0.56
N THR B 206 62.14 13.89 -0.42
CA THR B 206 61.83 14.05 -1.83
C THR B 206 61.54 12.70 -2.52
N LYS B 207 60.28 12.45 -3.01
CA LYS B 207 60.19 11.32 -3.95
C LYS B 207 59.49 11.75 -5.24
N SER B 208 60.08 11.36 -6.37
CA SER B 208 59.66 11.88 -7.68
C SER B 208 60.02 10.92 -8.82
N PHE B 209 59.27 11.02 -9.93
CA PHE B 209 59.59 10.24 -11.12
C PHE B 209 59.72 11.15 -12.34
N ASN B 210 60.48 10.66 -13.33
CA ASN B 210 60.56 11.29 -14.65
C ASN B 210 59.66 10.52 -15.61
N ARG B 211 58.80 11.25 -16.31
CA ARG B 211 57.90 10.63 -17.26
C ARG B 211 58.66 10.25 -18.53
N GLU C 1 23.02 -18.39 18.89
CA GLU C 1 23.94 -17.26 18.84
C GLU C 1 23.24 -16.04 18.25
N VAL C 2 23.25 -14.93 18.99
CA VAL C 2 22.46 -13.76 18.63
C VAL C 2 23.09 -13.06 17.44
N GLN C 3 22.24 -12.60 16.51
CA GLN C 3 22.70 -11.92 15.32
C GLN C 3 21.57 -11.06 14.77
N LEU C 4 21.94 -9.94 14.16
CA LEU C 4 21.00 -9.05 13.50
C LEU C 4 21.65 -8.58 12.20
N VAL C 5 20.94 -8.74 11.08
CA VAL C 5 21.47 -8.37 9.77
C VAL C 5 20.49 -7.41 9.11
N GLU C 6 20.94 -6.18 8.86
CA GLU C 6 20.10 -5.21 8.16
C GLU C 6 20.33 -5.25 6.65
N SER C 7 19.32 -4.81 5.92
CA SER C 7 19.34 -4.81 4.47
C SER C 7 18.31 -3.81 3.98
N GLY C 8 18.48 -3.36 2.74
CA GLY C 8 17.51 -2.48 2.12
C GLY C 8 17.98 -1.05 1.91
N GLY C 9 19.15 -0.69 2.42
CA GLY C 9 19.68 0.64 2.21
C GLY C 9 20.20 0.84 0.80
N GLY C 10 20.68 2.04 0.56
CA GLY C 10 21.25 2.38 -0.72
C GLY C 10 21.00 3.85 -1.06
N LEU C 11 20.75 4.11 -2.32
CA LEU C 11 20.52 5.47 -2.81
C LEU C 11 19.03 5.71 -2.98
N VAL C 12 18.59 6.92 -2.64
CA VAL C 12 17.19 7.31 -2.80
C VAL C 12 17.14 8.80 -3.07
N GLN C 13 16.20 9.21 -3.91
CA GLN C 13 16.03 10.62 -4.21
C GLN C 13 15.37 11.33 -3.03
N PRO C 14 15.71 12.59 -2.79
CA PRO C 14 14.98 13.39 -1.80
C PRO C 14 13.48 13.35 -2.07
N GLY C 15 12.71 13.26 -0.98
CA GLY C 15 11.28 13.02 -1.05
C GLY C 15 10.89 11.57 -1.16
N GLY C 16 11.79 10.71 -1.65
CA GLY C 16 11.45 9.33 -1.90
C GLY C 16 11.42 8.48 -0.64
N SER C 17 10.97 7.24 -0.83
CA SER C 17 10.81 6.29 0.26
C SER C 17 11.87 5.22 0.19
N LEU C 18 11.98 4.47 1.28
CA LEU C 18 12.92 3.38 1.42
C LEU C 18 12.47 2.58 2.63
N ARG C 19 12.81 1.30 2.66
CA ARG C 19 12.44 0.48 3.80
C ARG C 19 13.58 -0.48 4.10
N LEU C 20 14.14 -0.37 5.29
CA LEU C 20 15.17 -1.27 5.75
C LEU C 20 14.55 -2.41 6.56
N SER C 21 15.26 -3.52 6.59
CA SER C 21 14.80 -4.73 7.26
C SER C 21 15.93 -5.25 8.15
N CYS C 22 15.55 -5.71 9.34
CA CYS C 22 16.48 -6.26 10.31
C CYS C 22 16.08 -7.70 10.57
N ALA C 23 16.86 -8.63 10.02
CA ALA C 23 16.67 -10.06 10.20
C ALA C 23 17.36 -10.47 11.49
N ALA C 24 16.57 -10.81 12.50
CA ALA C 24 17.07 -11.31 13.77
C ALA C 24 17.24 -12.82 13.70
N SER C 25 18.27 -13.31 14.39
CA SER C 25 18.59 -14.73 14.36
C SER C 25 19.19 -15.12 15.71
N GLY C 26 18.86 -16.33 16.16
CA GLY C 26 19.30 -16.80 17.45
C GLY C 26 18.45 -16.33 18.61
N PHE C 27 17.27 -15.74 18.35
CA PHE C 27 16.42 -15.24 19.41
C PHE C 27 15.10 -14.77 18.81
N ASN C 28 14.11 -14.60 19.68
CA ASN C 28 12.76 -14.20 19.29
C ASN C 28 12.56 -12.71 19.62
N ILE C 29 12.14 -11.93 18.63
CA ILE C 29 11.95 -10.51 18.86
C ILE C 29 10.77 -10.25 19.80
N ASP C 30 9.85 -11.20 19.94
CA ASP C 30 8.71 -11.02 20.84
C ASP C 30 9.14 -10.94 22.30
N ASP C 31 10.36 -11.39 22.62
CA ASP C 31 10.84 -11.41 23.99
C ASP C 31 11.44 -10.08 24.45
N THR C 32 11.75 -9.17 23.52
CA THR C 32 12.45 -7.95 23.86
C THR C 32 11.99 -6.84 22.93
N TYR C 33 12.65 -5.69 23.01
CA TYR C 33 12.37 -4.55 22.14
C TYR C 33 13.43 -4.46 21.06
N ILE C 34 13.06 -3.88 19.91
CA ILE C 34 13.98 -3.70 18.80
C ILE C 34 14.06 -2.21 18.47
N HIS C 35 15.29 -1.71 18.35
CA HIS C 35 15.57 -0.31 18.10
C HIS C 35 16.26 -0.13 16.75
N TRP C 36 16.05 1.04 16.17
CA TRP C 36 16.89 1.56 15.10
C TRP C 36 17.67 2.75 15.62
N VAL C 37 19.00 2.66 15.54
CA VAL C 37 19.91 3.74 15.89
C VAL C 37 20.66 4.12 14.63
N ARG C 38 20.81 5.40 14.34
CA ARG C 38 21.52 5.77 13.13
C ARG C 38 22.65 6.73 13.43
N GLN C 39 23.58 6.82 12.48
CA GLN C 39 24.78 7.61 12.60
C GLN C 39 25.09 8.27 11.26
N ALA C 40 24.90 9.59 11.19
CA ALA C 40 25.33 10.34 10.03
C ALA C 40 26.85 10.25 9.87
N PRO C 41 27.37 10.44 8.66
CA PRO C 41 28.81 10.25 8.43
C PRO C 41 29.64 11.20 9.28
N GLY C 42 30.56 10.65 10.06
CA GLY C 42 31.40 11.43 10.93
C GLY C 42 30.71 11.98 12.16
N LYS C 43 29.50 11.52 12.48
CA LYS C 43 28.80 12.06 13.64
C LYS C 43 28.48 10.94 14.63
N GLY C 44 27.65 11.26 15.62
CA GLY C 44 27.39 10.35 16.72
C GLY C 44 26.17 9.50 16.50
N LEU C 45 25.83 8.73 17.53
CA LEU C 45 24.67 7.87 17.48
C LEU C 45 23.40 8.68 17.74
N GLU C 46 22.33 8.35 17.01
CA GLU C 46 21.03 8.97 17.21
C GLU C 46 20.00 7.86 17.27
N TRP C 47 19.40 7.65 18.45
CA TRP C 47 18.28 6.72 18.56
C TRP C 47 17.10 7.26 17.77
N VAL C 48 16.37 6.36 17.12
CA VAL C 48 15.41 6.75 16.11
C VAL C 48 14.03 6.17 16.39
N ALA C 49 13.97 4.88 16.76
CA ALA C 49 12.68 4.23 16.89
C ALA C 49 12.83 2.93 17.69
N ARG C 50 11.74 2.54 18.34
CA ARG C 50 11.68 1.32 19.14
C ARG C 50 10.33 0.66 18.94
N ILE C 51 10.31 -0.68 19.00
CA ILE C 51 9.08 -1.44 18.91
C ILE C 51 9.13 -2.64 19.85
N TYR C 52 7.96 -2.98 20.40
CA TYR C 52 7.72 -4.16 21.23
C TYR C 52 6.86 -5.13 20.42
N PRO C 53 7.45 -6.09 19.72
CA PRO C 53 6.67 -6.91 18.76
C PRO C 53 5.56 -7.72 19.40
N THR C 54 5.61 -7.97 20.71
CA THR C 54 4.52 -8.67 21.39
C THR C 54 3.17 -8.05 21.07
N ASN C 55 3.10 -6.72 21.08
CA ASN C 55 1.86 -6.00 20.83
C ASN C 55 2.02 -4.88 19.82
N GLY C 56 3.21 -4.69 19.24
CA GLY C 56 3.42 -3.69 18.22
C GLY C 56 3.53 -2.26 18.72
N TYR C 57 3.60 -2.04 20.02
CA TYR C 57 3.75 -0.68 20.52
C TYR C 57 5.09 -0.10 20.08
N THR C 58 5.06 1.16 19.66
CA THR C 58 6.20 1.83 19.04
C THR C 58 6.46 3.15 19.72
N ARG C 59 7.70 3.63 19.60
CA ARG C 59 8.09 4.96 20.04
C ARG C 59 9.12 5.53 19.07
N TYR C 60 9.10 6.85 18.91
CA TYR C 60 9.91 7.51 17.89
C TYR C 60 10.63 8.73 18.47
N ALA C 61 11.73 9.11 17.81
CA ALA C 61 12.42 10.35 18.13
C ALA C 61 11.75 11.52 17.40
N ASP C 62 11.92 12.71 17.96
CA ASP C 62 11.33 13.91 17.37
C ASP C 62 11.76 14.10 15.92
N SER C 63 13.03 13.82 15.62
CA SER C 63 13.59 14.10 14.31
C SER C 63 12.99 13.26 13.19
N VAL C 64 12.19 12.25 13.52
CA VAL C 64 11.66 11.33 12.51
C VAL C 64 10.17 11.05 12.68
N LYS C 65 9.50 11.66 13.64
CA LYS C 65 8.09 11.38 13.85
C LYS C 65 7.25 11.92 12.70
N GLY C 66 6.31 11.11 12.22
CA GLY C 66 5.48 11.46 11.10
C GLY C 66 6.04 11.10 9.74
N ARG C 67 7.24 10.52 9.69
CA ARG C 67 7.84 10.12 8.42
C ARG C 67 8.27 8.66 8.48
N PHE C 68 8.99 8.29 9.54
CA PHE C 68 9.42 6.92 9.72
C PHE C 68 8.37 6.14 10.51
N THR C 69 8.25 4.85 10.18
CA THR C 69 7.38 3.96 10.93
C THR C 69 8.08 2.62 11.11
N ILE C 70 8.17 2.16 12.34
CA ILE C 70 8.81 0.89 12.68
C ILE C 70 7.74 -0.17 12.83
N SER C 71 8.05 -1.39 12.39
CA SER C 71 7.08 -2.48 12.47
C SER C 71 7.83 -3.79 12.65
N ALA C 72 7.08 -4.85 12.90
CA ALA C 72 7.67 -6.16 13.15
C ALA C 72 6.80 -7.25 12.53
N ASP C 73 7.46 -8.23 11.93
CA ASP C 73 6.81 -9.49 11.54
C ASP C 73 7.43 -10.57 12.43
N THR C 74 6.67 -11.00 13.43
CA THR C 74 7.12 -12.02 14.38
C THR C 74 7.22 -13.39 13.74
N SER C 75 6.46 -13.64 12.67
CA SER C 75 6.54 -14.94 12.00
C SER C 75 7.82 -15.08 11.19
N LYS C 76 8.27 -13.99 10.57
CA LYS C 76 9.55 -13.96 9.88
C LYS C 76 10.69 -13.53 10.80
N ASN C 77 10.39 -13.19 12.05
CA ASN C 77 11.39 -12.77 13.04
C ASN C 77 12.21 -11.59 12.51
N THR C 78 11.50 -10.61 11.94
CA THR C 78 12.15 -9.46 11.32
C THR C 78 11.50 -8.18 11.83
N ALA C 79 12.29 -7.11 11.87
CA ALA C 79 11.74 -5.77 12.10
C ALA C 79 12.00 -4.92 10.86
N TYR C 80 11.27 -3.82 10.74
CA TYR C 80 11.36 -3.00 9.54
C TYR C 80 11.26 -1.52 9.89
N LEU C 81 12.03 -0.71 9.18
CA LEU C 81 11.97 0.75 9.27
C LEU C 81 11.52 1.28 7.91
N GLN C 82 10.32 1.84 7.86
CA GLN C 82 9.79 2.46 6.65
C GLN C 82 10.05 3.96 6.71
N MET C 83 10.91 4.45 5.84
CA MET C 83 11.31 5.85 5.79
C MET C 83 10.67 6.51 4.58
N ASN C 84 9.70 7.38 4.83
CA ASN C 84 9.07 8.20 3.82
C ASN C 84 9.56 9.64 3.94
N SER C 85 9.39 10.39 2.85
CA SER C 85 9.67 11.83 2.83
C SER C 85 11.09 12.12 3.29
N LEU C 86 12.05 11.43 2.67
CA LEU C 86 13.43 11.50 3.12
C LEU C 86 14.06 12.86 2.76
N ARG C 87 15.06 13.23 3.54
CA ARG C 87 15.81 14.46 3.34
C ARG C 87 17.30 14.15 3.32
N ALA C 88 18.10 15.11 2.85
CA ALA C 88 19.54 14.91 2.81
C ALA C 88 20.12 14.71 4.19
N GLU C 89 19.51 15.32 5.21
CA GLU C 89 19.98 15.16 6.59
C GLU C 89 19.83 13.73 7.10
N ASP C 90 18.92 12.94 6.52
CA ASP C 90 18.71 11.57 6.96
C ASP C 90 19.81 10.62 6.49
N THR C 91 20.71 11.08 5.63
CA THR C 91 21.79 10.25 5.13
C THR C 91 22.64 9.74 6.29
N ALA C 92 22.72 8.41 6.43
CA ALA C 92 23.36 7.86 7.61
C ALA C 92 23.48 6.35 7.50
N VAL C 93 24.41 5.79 8.28
CA VAL C 93 24.42 4.36 8.52
C VAL C 93 23.30 4.05 9.52
N TYR C 94 22.35 3.21 9.11
CA TYR C 94 21.27 2.80 9.96
C TYR C 94 21.60 1.45 10.58
N TYR C 95 21.61 1.42 11.90
CA TYR C 95 21.88 0.26 12.73
C TYR C 95 20.58 -0.25 13.33
N CYS C 96 20.46 -1.56 13.43
CA CYS C 96 19.39 -2.20 14.17
C CYS C 96 20.00 -2.89 15.38
N SER C 97 19.44 -2.63 16.55
CA SER C 97 19.98 -3.22 17.78
C SER C 97 18.82 -3.71 18.63
N ARG C 98 19.13 -4.61 19.54
CA ARG C 98 18.11 -5.12 20.45
C ARG C 98 18.43 -4.73 21.88
N TRP C 99 17.41 -4.80 22.73
CA TRP C 99 17.63 -4.80 24.17
C TRP C 99 17.82 -6.24 24.63
N GLY C 100 18.62 -6.41 25.69
CA GLY C 100 19.13 -7.73 26.02
C GLY C 100 18.05 -8.73 26.41
N GLY C 101 17.12 -8.32 27.26
CA GLY C 101 16.09 -9.22 27.73
C GLY C 101 15.00 -8.53 28.54
N ASP C 102 14.35 -9.26 29.44
CA ASP C 102 13.23 -8.70 30.17
C ASP C 102 13.67 -7.63 31.15
N GLY C 103 14.78 -7.84 31.85
CA GLY C 103 15.26 -6.85 32.78
C GLY C 103 16.64 -6.34 32.42
N PHE C 104 16.88 -6.21 31.12
CA PHE C 104 18.20 -5.79 30.61
C PHE C 104 17.96 -4.79 29.49
N TYR C 105 18.07 -3.51 29.81
CA TYR C 105 17.72 -2.43 28.88
C TYR C 105 18.94 -1.64 28.43
N ALA C 106 20.05 -2.36 28.20
CA ALA C 106 21.15 -1.88 27.40
C ALA C 106 21.14 -2.63 26.07
N MET C 107 21.70 -2.01 25.05
CA MET C 107 21.69 -2.59 23.70
C MET C 107 22.92 -3.48 23.56
N ASP C 108 22.73 -4.79 23.77
CA ASP C 108 23.87 -5.71 23.81
C ASP C 108 24.27 -6.18 22.42
N TYR C 109 23.31 -6.38 21.52
CA TYR C 109 23.59 -6.86 20.18
C TYR C 109 23.12 -5.86 19.14
N TRP C 110 23.98 -5.65 18.14
CA TRP C 110 23.80 -4.70 17.06
C TRP C 110 24.14 -5.40 15.75
N GLY C 111 23.36 -5.12 14.72
CA GLY C 111 23.82 -5.39 13.38
C GLY C 111 24.83 -4.36 12.91
N GLN C 112 25.52 -4.67 11.83
CA GLN C 112 26.67 -3.87 11.42
C GLN C 112 26.30 -2.72 10.47
N GLY C 113 25.01 -2.47 10.23
CA GLY C 113 24.60 -1.24 9.58
C GLY C 113 24.44 -1.25 8.07
N THR C 114 23.37 -0.61 7.59
CA THR C 114 23.17 -0.37 6.17
C THR C 114 23.12 1.13 5.92
N LEU C 115 23.91 1.61 4.98
CA LEU C 115 24.04 3.04 4.73
C LEU C 115 22.97 3.50 3.76
N VAL C 116 22.20 4.52 4.17
CA VAL C 116 21.20 5.17 3.34
C VAL C 116 21.74 6.50 2.89
N THR C 117 21.69 6.74 1.57
CA THR C 117 22.22 7.94 0.95
C THR C 117 21.10 8.67 0.24
N VAL C 118 20.86 9.92 0.62
CA VAL C 118 19.78 10.74 0.08
C VAL C 118 20.41 11.81 -0.79
N SER C 119 20.24 11.69 -2.11
CA SER C 119 20.86 12.62 -3.04
C SER C 119 20.19 12.50 -4.39
N SER C 120 20.08 13.64 -5.09
CA SER C 120 19.47 13.65 -6.43
C SER C 120 20.34 12.95 -7.46
N ALA C 121 21.64 12.85 -7.23
CA ALA C 121 22.56 12.27 -8.20
C ALA C 121 22.32 10.77 -8.35
N SER C 122 22.89 10.19 -9.40
CA SER C 122 22.59 8.83 -9.81
C SER C 122 23.83 7.95 -9.73
N THR C 123 23.59 6.64 -9.78
CA THR C 123 24.64 5.65 -9.58
C THR C 123 25.54 5.57 -10.81
N LYS C 124 26.86 5.55 -10.57
CA LYS C 124 27.83 5.31 -11.62
C LYS C 124 28.94 4.40 -11.07
N GLY C 125 29.31 3.39 -11.86
CA GLY C 125 30.26 2.37 -11.44
C GLY C 125 31.68 2.88 -11.43
N PRO C 126 32.59 2.17 -10.76
CA PRO C 126 33.97 2.64 -10.65
C PRO C 126 34.79 2.37 -11.89
N SER C 127 35.78 3.26 -12.11
CA SER C 127 36.90 2.94 -12.97
C SER C 127 38.05 2.50 -12.09
N VAL C 128 38.59 1.33 -12.39
CA VAL C 128 39.67 0.77 -11.59
C VAL C 128 40.97 0.86 -12.36
N PHE C 129 42.00 1.44 -11.74
CA PHE C 129 43.30 1.59 -12.36
C PHE C 129 44.38 0.96 -11.48
N PRO C 130 45.49 0.52 -12.08
CA PRO C 130 46.57 -0.07 -11.29
C PRO C 130 47.61 0.95 -10.85
N LEU C 131 48.03 0.81 -9.59
CA LEU C 131 49.19 1.53 -9.05
C LEU C 131 50.36 0.56 -9.06
N ALA C 132 51.18 0.65 -10.11
CA ALA C 132 52.27 -0.28 -10.38
C ALA C 132 53.47 0.05 -9.50
N PRO C 133 54.20 -0.97 -9.03
CA PRO C 133 55.45 -0.84 -8.26
C PRO C 133 56.65 -0.43 -9.11
N THR C 142 61.53 -4.20 -0.21
CA THR C 142 60.15 -3.89 0.20
C THR C 142 59.53 -2.87 -0.75
N ALA C 143 58.44 -3.26 -1.39
CA ALA C 143 57.77 -2.44 -2.39
C ALA C 143 56.32 -2.20 -1.98
N ALA C 144 55.71 -1.21 -2.63
CA ALA C 144 54.31 -0.88 -2.43
C ALA C 144 53.59 -0.90 -3.77
N LEU C 145 52.37 -1.44 -3.78
CA LEU C 145 51.57 -1.42 -5.00
C LEU C 145 50.11 -1.27 -4.58
N GLY C 146 49.25 -1.01 -5.55
CA GLY C 146 47.85 -0.88 -5.20
C GLY C 146 46.92 -0.73 -6.38
N CYS C 147 45.71 -0.29 -6.06
CA CYS C 147 44.66 0.01 -7.02
C CYS C 147 44.07 1.37 -6.70
N LEU C 148 43.75 2.13 -7.73
CA LEU C 148 43.06 3.41 -7.61
C LEU C 148 41.66 3.24 -8.16
N VAL C 149 40.68 3.21 -7.26
CA VAL C 149 39.27 3.18 -7.61
C VAL C 149 38.79 4.61 -7.75
N LYS C 150 38.10 4.90 -8.85
CA LYS C 150 38.08 6.25 -9.43
C LYS C 150 36.69 6.56 -9.98
N ASP C 151 36.03 7.56 -9.38
CA ASP C 151 34.81 8.17 -9.89
C ASP C 151 33.58 7.27 -9.82
N TYR C 152 33.00 7.15 -8.63
CA TYR C 152 31.82 6.33 -8.40
C TYR C 152 30.85 7.06 -7.48
N PHE C 153 29.59 6.63 -7.51
CA PHE C 153 28.54 7.20 -6.67
C PHE C 153 27.37 6.23 -6.57
N PRO C 154 26.82 6.06 -5.36
CA PRO C 154 27.37 6.61 -4.11
C PRO C 154 28.36 5.64 -3.51
N GLU C 155 28.68 5.81 -2.24
CA GLU C 155 29.42 4.79 -1.50
C GLU C 155 28.45 3.68 -1.10
N PRO C 156 28.97 2.51 -0.66
CA PRO C 156 30.36 2.09 -0.41
C PRO C 156 30.99 1.29 -1.54
N VAL C 157 32.31 1.18 -1.50
CA VAL C 157 33.03 0.18 -2.27
C VAL C 157 33.91 -0.61 -1.29
N THR C 158 34.04 -1.90 -1.54
CA THR C 158 34.90 -2.75 -0.72
C THR C 158 35.99 -3.31 -1.59
N VAL C 159 37.24 -3.18 -1.14
CA VAL C 159 38.40 -3.66 -1.88
C VAL C 159 39.09 -4.72 -1.03
N SER C 160 39.36 -5.86 -1.63
CA SER C 160 40.16 -6.91 -1.01
C SER C 160 41.35 -7.22 -1.90
N TRP C 161 42.24 -8.08 -1.40
CA TRP C 161 43.46 -8.43 -2.12
C TRP C 161 43.58 -9.94 -2.20
N ASN C 162 43.75 -10.44 -3.42
CA ASN C 162 43.88 -11.87 -3.70
C ASN C 162 42.71 -12.65 -3.10
N SER C 163 41.49 -12.16 -3.36
CA SER C 163 40.25 -12.80 -2.93
C SER C 163 40.15 -12.94 -1.42
N GLY C 164 40.95 -12.19 -0.66
CA GLY C 164 40.93 -12.23 0.78
C GLY C 164 42.11 -12.95 1.41
N ALA C 165 42.99 -13.55 0.60
CA ALA C 165 44.12 -14.28 1.16
C ALA C 165 45.18 -13.34 1.71
N LEU C 166 45.28 -12.12 1.16
CA LEU C 166 46.28 -11.14 1.55
C LEU C 166 45.59 -10.03 2.34
N THR C 167 45.95 -9.89 3.61
CA THR C 167 45.40 -8.84 4.47
C THR C 167 46.47 -8.03 5.18
N SER C 168 47.58 -8.66 5.56
CA SER C 168 48.60 -7.95 6.35
C SER C 168 49.26 -6.86 5.53
N GLY C 169 49.26 -5.64 6.08
CA GLY C 169 49.89 -4.53 5.40
C GLY C 169 49.07 -3.88 4.32
N VAL C 170 47.73 -4.00 4.38
CA VAL C 170 46.84 -3.38 3.42
C VAL C 170 46.25 -2.13 4.04
N HIS C 171 46.18 -1.05 3.26
CA HIS C 171 45.50 0.18 3.66
C HIS C 171 44.51 0.54 2.55
N THR C 172 43.23 0.38 2.81
CA THR C 172 42.20 0.95 1.95
C THR C 172 41.82 2.32 2.53
N PHE C 173 41.88 3.34 1.70
CA PHE C 173 41.77 4.70 2.20
C PHE C 173 40.32 5.17 2.24
N PRO C 174 39.97 6.01 3.19
CA PRO C 174 38.65 6.64 3.19
C PRO C 174 38.43 7.37 1.87
N ALA C 175 37.22 7.22 1.31
CA ALA C 175 36.90 7.86 0.05
C ALA C 175 36.90 9.37 0.19
N VAL C 176 37.31 10.05 -0.86
CA VAL C 176 37.26 11.50 -0.94
C VAL C 176 36.26 11.88 -2.03
N LEU C 177 35.35 12.80 -1.72
CA LEU C 177 34.49 13.36 -2.74
C LEU C 177 35.21 14.48 -3.47
N GLN C 178 35.26 14.39 -4.79
CA GLN C 178 35.90 15.44 -5.58
C GLN C 178 34.85 16.43 -6.07
N SER C 179 35.34 17.57 -6.57
CA SER C 179 34.48 18.66 -7.00
C SER C 179 33.49 18.23 -8.08
N SER C 180 33.79 17.15 -8.80
CA SER C 180 32.87 16.63 -9.80
C SER C 180 31.61 16.03 -9.20
N GLY C 181 31.60 15.77 -7.89
CA GLY C 181 30.50 15.08 -7.26
C GLY C 181 30.66 13.58 -7.16
N LEU C 182 31.78 13.03 -7.60
CA LEU C 182 32.04 11.60 -7.54
C LEU C 182 33.07 11.32 -6.46
N TYR C 183 33.17 10.04 -6.07
CA TYR C 183 34.14 9.64 -5.07
C TYR C 183 35.30 8.88 -5.72
N SER C 184 36.41 8.81 -4.99
CA SER C 184 37.51 7.96 -5.39
C SER C 184 38.42 7.75 -4.18
N LEU C 185 38.84 6.50 -3.99
CA LEU C 185 39.77 6.13 -2.93
C LEU C 185 40.93 5.38 -3.55
N SER C 186 41.88 4.99 -2.69
CA SER C 186 43.02 4.19 -3.11
C SER C 186 43.25 3.06 -2.11
N SER C 187 43.61 1.88 -2.63
CA SER C 187 43.91 0.72 -1.82
C SER C 187 45.35 0.31 -2.07
N VAL C 188 46.14 0.15 -1.01
CA VAL C 188 47.56 -0.11 -1.14
C VAL C 188 47.92 -1.33 -0.30
N VAL C 189 49.08 -1.91 -0.63
CA VAL C 189 49.66 -3.01 0.12
C VAL C 189 51.17 -2.98 -0.08
N THR C 190 51.89 -3.35 0.98
CA THR C 190 53.33 -3.50 0.94
C THR C 190 53.69 -4.99 0.87
N VAL C 191 54.67 -5.30 0.03
CA VAL C 191 55.12 -6.68 -0.17
C VAL C 191 56.62 -6.69 -0.12
N PRO C 192 57.24 -7.85 0.13
CA PRO C 192 58.69 -7.95 -0.07
C PRO C 192 58.97 -8.12 -1.57
N SER C 193 59.89 -7.28 -2.08
CA SER C 193 60.12 -7.13 -3.52
C SER C 193 60.78 -8.37 -4.14
N SER C 194 61.12 -9.38 -3.35
CA SER C 194 61.51 -10.65 -3.93
C SER C 194 60.34 -11.40 -4.55
N SER C 195 59.11 -10.93 -4.29
CA SER C 195 57.91 -11.68 -4.64
C SER C 195 57.17 -11.15 -5.86
N LEU C 196 57.44 -9.93 -6.33
CA LEU C 196 56.78 -9.51 -7.56
C LEU C 196 57.43 -10.21 -8.75
N GLY C 197 56.60 -10.60 -9.70
CA GLY C 197 57.06 -11.39 -10.82
C GLY C 197 56.87 -12.87 -10.53
N THR C 198 56.88 -13.25 -9.25
CA THR C 198 56.57 -14.64 -8.93
C THR C 198 55.11 -14.82 -8.53
N GLN C 199 54.52 -13.87 -7.81
CA GLN C 199 53.21 -14.05 -7.22
C GLN C 199 52.21 -13.07 -7.82
N THR C 200 51.05 -13.60 -8.21
CA THR C 200 49.95 -12.77 -8.65
C THR C 200 49.56 -11.78 -7.55
N TYR C 201 49.19 -10.56 -7.96
CA TYR C 201 48.67 -9.54 -7.05
C TYR C 201 47.52 -8.85 -7.78
N ILE C 202 46.31 -9.03 -7.27
CA ILE C 202 45.05 -8.78 -7.97
C ILE C 202 44.07 -8.18 -6.96
N CYS C 203 43.63 -6.95 -7.20
CA CYS C 203 42.70 -6.33 -6.26
C CYS C 203 41.26 -6.58 -6.69
N ASN C 204 40.43 -6.92 -5.70
CA ASN C 204 39.01 -7.22 -5.92
C ASN C 204 38.18 -6.05 -5.42
N VAL C 205 37.69 -5.23 -6.36
CA VAL C 205 36.87 -4.07 -6.08
C VAL C 205 35.41 -4.43 -6.30
N ASN C 206 34.57 -4.10 -5.32
CA ASN C 206 33.15 -4.42 -5.35
C ASN C 206 32.37 -3.14 -5.06
N HIS C 207 31.53 -2.73 -6.03
CA HIS C 207 30.63 -1.59 -5.91
C HIS C 207 29.23 -2.10 -6.26
N LYS C 208 28.55 -2.67 -5.26
CA LYS C 208 27.25 -3.29 -5.45
C LYS C 208 26.11 -2.31 -5.68
N PRO C 209 26.24 -1.01 -5.37
CA PRO C 209 25.24 -0.05 -5.87
C PRO C 209 25.05 -0.10 -7.37
N SER C 210 26.11 -0.30 -8.15
CA SER C 210 26.01 -0.45 -9.60
C SER C 210 26.21 -1.90 -10.04
N ASN C 211 26.27 -2.84 -9.10
CA ASN C 211 26.57 -4.24 -9.38
C ASN C 211 27.84 -4.37 -10.22
N THR C 212 28.86 -3.59 -9.85
CA THR C 212 30.14 -3.62 -10.53
C THR C 212 31.13 -4.43 -9.71
N LYS C 213 31.79 -5.39 -10.36
CA LYS C 213 32.93 -6.08 -9.81
C LYS C 213 34.10 -5.96 -10.76
N VAL C 214 35.29 -5.68 -10.23
CA VAL C 214 36.51 -5.65 -11.03
C VAL C 214 37.61 -6.34 -10.26
N ASP C 215 38.25 -7.32 -10.89
CA ASP C 215 39.52 -7.86 -10.42
C ASP C 215 40.61 -7.27 -11.30
N LYS C 216 41.44 -6.40 -10.72
CA LYS C 216 42.40 -5.63 -11.48
C LYS C 216 43.82 -5.97 -11.02
N LYS C 217 44.64 -6.44 -11.96
CA LYS C 217 45.96 -6.98 -11.65
C LYS C 217 47.04 -5.92 -11.79
N VAL C 218 48.08 -6.07 -10.98
CA VAL C 218 49.13 -5.06 -10.88
C VAL C 218 50.52 -5.68 -10.95
#